data_5G22
#
_entry.id   5G22
#
_cell.length_a   57.970
_cell.length_b   123.360
_cell.length_c   179.370
_cell.angle_alpha   90.00
_cell.angle_beta   90.00
_cell.angle_gamma   90.00
#
_symmetry.space_group_name_H-M   'P 21 21 21'
#
loop_
_entity.id
_entity.type
_entity.pdbx_description
1 polymer 'GLYCYLPEPTIDE N-TETRADECANOYLTRANSFERASE'
2 non-polymer 2-oxopentadecyl-CoA
3 non-polymer 'ETHYL 4-[(2-CYANOETHYL)SULFANYL]-6-{[6-(PIPERAZIN-1-YL)'
4 non-polymer 'SULFATE ION'
5 non-polymer 'MAGNESIUM ION'
6 non-polymer 'CHLORIDE ION'
7 water water
#
_entity_poly.entity_id   1
_entity_poly.type   'polypeptide(L)'
_entity_poly.pdbx_seq_one_letter_code
;IDYKFWYTQPVPKINDEFNESVNEPFISDNKVEDVRKDEYKLPPGYSWYVCDVKDEKDRSEIYTLLTDNYVEDDDNIFRF
NYSAEFLLWALTSPNYLKTWHIGVKYDASNKLIGFISAIPTDICIHKRTIKMAEVNFLCVHKTLRSKRLAPVLIKEITRR
INLENIWQAIYTAGVYLPKPVSDARYYHRSINVKKLIEIGFSSLNSRLTMSRAIKLYRVEDTLNIKNMRLMKKKDVEGVH
KLLGSYLEQFNLYAVFTKEEIAHWFLPIENVIYTYVNEENGKIKDMISFYSLPSQILGNDKYSTLNAAYSFYNVTTTATF
KQLMQDAILLAKRNNFDVFNALEVMQNKSVFEDLKFGEGDGSLKYYLYNWKCASFAPAHVGIVLL
;
_entity_poly.pdbx_strand_id   A,B,C
#
loop_
_chem_comp.id
_chem_comp.type
_chem_comp.name
_chem_comp.formula
CL non-polymer 'CHLORIDE ION' 'Cl -1'
MG non-polymer 'MAGNESIUM ION' 'Mg 2'
NHW non-polymer 2-oxopentadecyl-CoA 'C36 H64 N7 O17 P3 S'
SO4 non-polymer 'SULFATE ION' 'O4 S -2'
YN4 non-polymer 'ETHYL 4-[(2-CYANOETHYL)SULFANYL]-6-{[6-(PIPERAZIN-1-YL)' 'C25 H27 N5 O3 S'
#
# COMPACT_ATOMS: atom_id res chain seq x y z
N ILE A 1 21.00 5.66 36.30
CA ILE A 1 20.59 7.02 36.82
C ILE A 1 19.13 7.00 37.34
N ASP A 2 18.76 7.98 38.16
CA ASP A 2 17.48 7.95 38.93
C ASP A 2 16.29 8.63 38.23
N TYR A 3 16.58 9.68 37.46
CA TYR A 3 15.56 10.54 36.81
C TYR A 3 14.55 11.08 37.83
N LYS A 4 15.06 11.85 38.78
CA LYS A 4 14.27 12.40 39.88
C LYS A 4 13.18 13.36 39.35
N PHE A 5 13.51 14.15 38.31
CA PHE A 5 12.52 15.01 37.65
C PHE A 5 11.57 14.25 36.74
N TRP A 6 12.13 13.45 35.83
CA TRP A 6 11.32 12.82 34.79
C TRP A 6 10.29 11.81 35.30
N TYR A 7 10.60 11.20 36.45
CA TYR A 7 9.72 10.23 37.11
C TYR A 7 8.49 10.86 37.80
N THR A 8 8.55 12.17 38.08
CA THR A 8 7.39 12.94 38.54
C THR A 8 6.40 13.18 37.40
N GLN A 9 6.90 13.19 36.15
CA GLN A 9 6.11 13.59 34.94
C GLN A 9 5.28 12.45 34.30
N PRO A 10 4.26 12.82 33.48
CA PRO A 10 3.52 11.78 32.72
C PRO A 10 4.29 11.25 31.46
N VAL A 11 5.39 10.54 31.74
CA VAL A 11 6.07 9.71 30.76
C VAL A 11 6.23 8.29 31.32
N PRO A 12 6.57 7.32 30.43
CA PRO A 12 6.99 5.98 30.84
C PRO A 12 8.16 5.95 31.85
N LYS A 13 8.14 4.97 32.74
CA LYS A 13 9.33 4.53 33.46
C LYS A 13 10.23 3.74 32.49
N ILE A 14 11.53 3.70 32.79
CA ILE A 14 12.52 2.94 31.99
C ILE A 14 12.07 1.52 31.63
N ASN A 15 11.38 0.85 32.54
CA ASN A 15 10.96 -0.55 32.34
C ASN A 15 9.57 -0.78 31.77
N ASP A 16 8.96 0.27 31.21
CA ASP A 16 7.60 0.22 30.64
C ASP A 16 7.59 -0.29 29.18
N GLU A 17 6.75 -1.28 28.90
CA GLU A 17 6.50 -1.77 27.54
C GLU A 17 5.00 -2.06 27.33
N PHE A 18 4.39 -1.34 26.38
CA PHE A 18 2.93 -1.45 26.09
C PHE A 18 2.66 -2.16 24.77
N ASN A 19 1.55 -2.89 24.66
CA ASN A 19 1.11 -3.61 23.44
CA ASN A 19 1.30 -3.57 23.39
C ASN A 19 0.70 -2.67 22.31
N GLU A 20 0.76 -3.14 21.05
CA GLU A 20 0.35 -2.33 19.87
C GLU A 20 -1.04 -1.73 19.99
N SER A 21 -1.86 -2.30 20.89
CA SER A 21 -3.24 -1.90 21.04
C SER A 21 -3.54 -0.82 22.11
N VAL A 22 -2.53 -0.39 22.87
CA VAL A 22 -2.70 0.67 23.87
C VAL A 22 -2.11 1.97 23.31
N ASN A 23 -2.94 3.00 23.19
CA ASN A 23 -2.62 4.22 22.45
C ASN A 23 -3.45 5.38 23.00
N GLU A 24 -3.12 5.80 24.22
CA GLU A 24 -3.92 6.78 24.96
C GLU A 24 -3.00 7.67 25.80
N PRO A 25 -3.53 8.79 26.38
CA PRO A 25 -2.70 9.57 27.33
C PRO A 25 -2.41 8.80 28.64
N PHE A 26 -1.36 9.20 29.34
CA PHE A 26 -1.14 8.76 30.72
C PHE A 26 -2.18 9.37 31.66
N ILE A 27 -2.47 10.66 31.45
CA ILE A 27 -3.49 11.39 32.21
C ILE A 27 -4.52 12.06 31.30
N SER A 28 -5.72 11.47 31.30
CA SER A 28 -6.84 11.93 30.52
C SER A 28 -7.65 12.88 31.34
N ASP A 29 -8.62 13.52 30.68
CA ASP A 29 -9.67 14.32 31.33
C ASP A 29 -9.05 15.51 32.11
N ASN A 30 -8.19 16.26 31.41
CA ASN A 30 -7.58 17.47 31.93
C ASN A 30 -8.51 18.66 31.65
N LYS A 31 -8.43 19.72 32.46
CA LYS A 31 -9.22 20.95 32.14
C LYS A 31 -8.51 22.25 32.43
N VAL A 32 -8.60 23.14 31.43
CA VAL A 32 -7.92 24.43 31.43
C VAL A 32 -8.20 25.18 32.69
N GLU A 33 -9.39 24.99 33.25
CA GLU A 33 -9.79 25.74 34.46
C GLU A 33 -8.95 25.44 35.72
N ASP A 34 -8.25 24.29 35.72
CA ASP A 34 -7.40 23.84 36.86
C ASP A 34 -5.88 24.15 36.76
N VAL A 35 -5.42 24.55 35.57
CA VAL A 35 -4.01 24.89 35.29
C VAL A 35 -3.61 26.11 36.13
N ARG A 36 -2.42 26.02 36.73
CA ARG A 36 -1.78 27.06 37.53
C ARG A 36 -1.67 28.37 36.74
N LYS A 37 -2.07 29.47 37.36
CA LYS A 37 -2.00 30.79 36.69
C LYS A 37 -0.80 31.64 37.12
N ASP A 38 -0.05 31.16 38.11
CA ASP A 38 1.25 31.75 38.51
C ASP A 38 2.37 31.25 37.57
N GLU A 39 3.44 32.03 37.46
CA GLU A 39 4.66 31.59 36.78
C GLU A 39 5.50 30.75 37.75
N TYR A 40 6.26 29.80 37.21
CA TYR A 40 7.16 29.02 38.08
C TYR A 40 8.23 29.92 38.63
N LYS A 41 8.58 29.63 39.89
CA LYS A 41 9.55 30.42 40.61
C LYS A 41 10.93 30.20 40.03
N LEU A 42 11.62 31.30 39.72
CA LEU A 42 13.01 31.23 39.36
C LEU A 42 13.82 31.58 40.59
N PRO A 43 15.06 31.07 40.66
CA PRO A 43 15.95 31.51 41.75
C PRO A 43 16.21 33.05 41.84
N PRO A 44 16.62 33.57 43.03
CA PRO A 44 17.01 34.98 43.23
C PRO A 44 17.83 35.65 42.10
N GLY A 45 17.35 36.80 41.63
CA GLY A 45 17.98 37.56 40.52
C GLY A 45 17.82 37.05 39.09
N TYR A 46 16.75 36.30 38.81
CA TYR A 46 16.41 35.84 37.43
C TYR A 46 14.96 36.16 37.14
N SER A 47 14.65 36.45 35.87
CA SER A 47 13.28 36.81 35.50
C SER A 47 12.89 36.16 34.22
N TRP A 48 11.63 35.72 34.15
CA TRP A 48 10.99 35.36 32.89
C TRP A 48 10.96 36.55 31.94
N TYR A 49 11.17 36.27 30.66
CA TYR A 49 11.19 37.30 29.65
C TYR A 49 10.43 36.74 28.46
N VAL A 50 9.57 37.54 27.83
CA VAL A 50 8.79 37.11 26.65
C VAL A 50 9.46 37.55 25.30
N CYS A 51 9.98 36.60 24.54
CA CYS A 51 10.75 36.96 23.32
C CYS A 51 9.88 37.22 22.10
N ASP A 52 10.22 38.29 21.38
CA ASP A 52 9.59 38.61 20.13
C ASP A 52 10.53 38.21 18.99
N VAL A 53 10.35 36.98 18.50
CA VAL A 53 11.15 36.43 17.40
C VAL A 53 11.14 37.32 16.14
N LYS A 54 10.01 37.99 15.88
CA LYS A 54 9.88 38.93 14.76
C LYS A 54 10.60 40.29 14.92
N ASP A 55 11.28 40.50 16.04
CA ASP A 55 12.10 41.72 16.23
C ASP A 55 13.58 41.31 16.14
N GLU A 56 14.30 41.90 15.16
CA GLU A 56 15.73 41.61 14.91
C GLU A 56 16.56 41.48 16.19
N LYS A 57 16.45 42.46 17.08
CA LYS A 57 17.17 42.53 18.36
C LYS A 57 16.94 41.39 19.37
N ASP A 58 15.70 41.14 19.78
CA ASP A 58 15.36 39.92 20.56
C ASP A 58 15.81 38.65 19.85
N ARG A 59 15.62 38.57 18.54
CA ARG A 59 15.97 37.34 17.80
C ARG A 59 17.48 37.13 17.86
N SER A 60 18.26 38.21 17.69
N SER A 60 18.24 38.22 17.67
CA SER A 60 19.72 38.16 17.80
CA SER A 60 19.70 38.26 17.82
C SER A 60 20.24 37.77 19.17
C SER A 60 20.21 37.75 19.16
N GLU A 61 19.48 38.11 20.23
CA GLU A 61 19.82 37.75 21.61
C GLU A 61 19.69 36.24 21.82
N ILE A 62 18.66 35.63 21.23
CA ILE A 62 18.49 34.16 21.26
C ILE A 62 19.61 33.53 20.43
N TYR A 63 19.85 34.11 19.23
CA TYR A 63 20.89 33.68 18.35
C TYR A 63 22.21 33.71 19.09
N THR A 64 22.42 34.72 19.93
CA THR A 64 23.73 34.82 20.57
C THR A 64 23.84 33.69 21.61
N LEU A 65 22.72 33.40 22.28
CA LEU A 65 22.74 32.43 23.35
C LEU A 65 22.99 30.99 22.80
N LEU A 66 22.20 30.61 21.81
CA LEU A 66 22.43 29.35 21.09
C LEU A 66 23.84 29.23 20.47
N THR A 67 24.37 30.31 19.88
CA THR A 67 25.72 30.22 19.27
C THR A 67 26.76 29.75 20.29
N ASP A 68 26.71 30.29 21.49
CA ASP A 68 27.74 29.96 22.45
C ASP A 68 27.38 28.76 23.29
N ASN A 69 26.10 28.41 23.39
CA ASN A 69 25.73 27.40 24.41
C ASN A 69 24.92 26.19 23.98
N TYR A 70 24.71 25.99 22.69
CA TYR A 70 23.88 24.83 22.26
C TYR A 70 24.67 23.52 22.24
N VAL A 71 24.10 22.43 21.71
CA VAL A 71 24.68 21.08 21.76
C VAL A 71 25.97 20.97 20.97
N GLU A 72 26.91 20.25 21.59
CA GLU A 72 28.18 19.87 20.99
C GLU A 72 28.16 18.36 20.83
N ASP A 73 28.87 17.85 19.82
CA ASP A 73 29.03 16.40 19.67
C ASP A 73 29.80 15.86 20.89
N ASP A 74 29.86 14.54 21.01
CA ASP A 74 30.59 13.86 22.07
C ASP A 74 32.09 14.22 22.10
N ASP A 75 32.68 14.35 20.91
CA ASP A 75 34.11 14.64 20.79
C ASP A 75 34.45 16.15 20.69
N ASN A 76 33.43 16.99 20.88
CA ASN A 76 33.54 18.47 20.83
C ASN A 76 34.25 18.98 19.56
N ILE A 77 33.99 18.31 18.45
CA ILE A 77 34.41 18.84 17.17
C ILE A 77 33.47 20.03 16.79
N PHE A 78 32.16 19.84 17.01
CA PHE A 78 31.15 20.77 16.48
C PHE A 78 30.18 21.37 17.52
N ARG A 79 29.62 22.53 17.18
CA ARG A 79 28.45 23.04 17.91
C ARG A 79 27.41 23.56 16.93
N PHE A 80 26.16 23.10 17.07
CA PHE A 80 25.09 23.58 16.22
C PHE A 80 25.07 25.10 16.18
N ASN A 81 24.80 25.65 15.02
CA ASN A 81 24.85 27.08 14.82
C ASN A 81 23.67 27.51 13.96
N TYR A 82 22.46 27.26 14.45
CA TYR A 82 21.22 27.74 13.82
C TYR A 82 21.38 29.22 13.49
N SER A 83 21.00 29.62 12.29
CA SER A 83 21.14 31.02 11.89
C SER A 83 19.92 31.81 12.38
N ALA A 84 20.04 33.14 12.38
CA ALA A 84 18.97 34.01 12.82
C ALA A 84 17.74 33.82 11.94
N GLU A 85 17.96 33.77 10.62
CA GLU A 85 16.88 33.59 9.68
C GLU A 85 16.24 32.21 9.93
N PHE A 86 17.04 31.19 10.19
CA PHE A 86 16.52 29.85 10.56
C PHE A 86 15.54 29.85 11.75
N LEU A 87 15.94 30.50 12.84
CA LEU A 87 15.07 30.55 14.03
C LEU A 87 13.73 31.22 13.70
N LEU A 88 13.76 32.28 12.90
CA LEU A 88 12.54 32.96 12.45
C LEU A 88 11.55 32.01 11.73
N TRP A 89 12.05 31.24 10.76
CA TRP A 89 11.28 30.20 10.08
C TRP A 89 10.78 29.11 11.01
N ALA A 90 11.63 28.59 11.87
CA ALA A 90 11.22 27.53 12.80
C ALA A 90 10.27 27.97 13.95
N LEU A 91 10.29 29.26 14.32
CA LEU A 91 9.45 29.66 15.46
C LEU A 91 8.13 30.36 15.08
N THR A 92 7.99 30.77 13.81
CA THR A 92 6.81 31.43 13.28
C THR A 92 5.93 30.65 12.26
N SER A 93 5.82 29.33 12.43
CA SER A 93 4.88 28.53 11.67
C SER A 93 3.43 28.96 11.95
N PRO A 94 2.44 28.54 11.09
CA PRO A 94 1.05 29.01 11.22
C PRO A 94 0.43 28.71 12.57
N ASN A 95 -0.10 29.73 13.22
CA ASN A 95 -0.78 29.65 14.53
C ASN A 95 0.11 29.63 15.79
N TYR A 96 1.42 29.86 15.57
CA TYR A 96 2.42 30.02 16.64
C TYR A 96 1.91 31.02 17.65
N LEU A 97 2.19 30.70 18.92
CA LEU A 97 1.91 31.57 20.00
C LEU A 97 3.18 32.23 20.45
N LYS A 98 3.14 33.55 20.53
CA LYS A 98 4.27 34.37 20.98
C LYS A 98 4.61 34.05 22.43
N THR A 99 3.60 33.71 23.21
CA THR A 99 3.75 33.29 24.61
C THR A 99 4.45 31.91 24.84
N TRP A 100 4.75 31.20 23.75
CA TRP A 100 5.42 29.90 23.81
C TRP A 100 6.92 30.05 23.46
N HIS A 101 7.39 31.30 23.34
CA HIS A 101 8.82 31.60 23.14
C HIS A 101 9.36 32.24 24.42
N ILE A 102 9.81 31.38 25.34
CA ILE A 102 10.14 31.77 26.73
C ILE A 102 11.65 31.96 27.00
N GLY A 103 12.04 33.18 27.35
CA GLY A 103 13.42 33.51 27.76
C GLY A 103 13.58 33.60 29.27
N VAL A 104 14.84 33.62 29.73
CA VAL A 104 15.19 33.89 31.11
C VAL A 104 16.41 34.81 31.11
N LYS A 105 16.27 35.92 31.84
CA LYS A 105 17.29 36.96 31.94
C LYS A 105 17.90 37.01 33.34
N TYR A 106 19.19 37.35 33.39
CA TYR A 106 19.90 37.67 34.63
C TYR A 106 19.68 39.15 34.93
N ASP A 107 19.01 39.48 36.02
CA ASP A 107 18.62 40.90 36.24
C ASP A 107 19.77 41.92 36.25
N ALA A 108 20.82 41.65 37.03
CA ALA A 108 21.94 42.59 37.17
C ALA A 108 22.63 42.97 35.84
N SER A 109 22.60 42.08 34.85
CA SER A 109 23.28 42.29 33.55
C SER A 109 22.33 42.50 32.35
N ASN A 110 21.05 42.18 32.54
CA ASN A 110 20.00 42.20 31.49
C ASN A 110 20.27 41.21 30.32
N LYS A 111 20.99 40.12 30.62
CA LYS A 111 21.44 39.19 29.60
C LYS A 111 20.62 37.89 29.58
N LEU A 112 20.03 37.57 28.44
CA LEU A 112 19.44 36.25 28.21
C LEU A 112 20.46 35.17 28.58
N ILE A 113 20.04 34.21 29.43
CA ILE A 113 20.86 33.06 29.86
C ILE A 113 20.15 31.69 29.75
N GLY A 114 18.85 31.74 29.40
CA GLY A 114 18.01 30.55 29.27
C GLY A 114 16.87 30.78 28.28
N PHE A 115 16.44 29.67 27.64
CA PHE A 115 15.46 29.64 26.53
C PHE A 115 14.83 28.26 26.35
N ILE A 116 13.52 28.24 26.06
CA ILE A 116 12.78 27.02 25.64
C ILE A 116 11.67 27.44 24.68
N SER A 117 11.35 26.61 23.68
CA SER A 117 10.29 26.98 22.71
C SER A 117 9.33 25.85 22.32
N ALA A 118 8.14 26.24 21.89
CA ALA A 118 7.13 25.31 21.38
C ALA A 118 6.30 25.99 20.31
N ILE A 119 5.80 25.17 19.40
CA ILE A 119 4.89 25.58 18.37
C ILE A 119 3.87 24.44 18.25
N PRO A 120 2.63 24.77 17.80
CA PRO A 120 1.56 23.78 17.65
C PRO A 120 1.58 23.06 16.33
N THR A 121 1.19 21.79 16.36
CA THR A 121 1.16 20.88 15.19
C THR A 121 0.19 19.68 15.45
N ASP A 122 -0.46 19.19 14.39
CA ASP A 122 -1.30 18.00 14.53
C ASP A 122 -0.41 16.77 14.32
N ILE A 123 -0.49 15.82 15.25
CA ILE A 123 0.36 14.62 15.19
C ILE A 123 -0.46 13.31 15.17
N CYS A 124 -0.14 12.50 14.18
CA CYS A 124 -0.69 11.15 14.03
C CYS A 124 0.21 10.03 14.64
N ILE A 125 -0.11 9.62 15.87
CA ILE A 125 0.49 8.44 16.52
C ILE A 125 -0.43 7.17 16.41
N HIS A 126 0.10 6.09 15.82
CA HIS A 126 -0.67 4.83 15.55
CA HIS A 126 -0.66 4.84 15.54
C HIS A 126 -2.10 5.11 15.04
N LYS A 127 -2.21 5.98 14.03
CA LYS A 127 -3.49 6.34 13.38
C LYS A 127 -4.53 7.22 14.15
N ARG A 128 -4.16 7.80 15.30
CA ARG A 128 -5.03 8.78 15.99
C ARG A 128 -4.34 10.13 15.88
N THR A 129 -5.00 11.08 15.25
CA THR A 129 -4.42 12.39 15.21
C THR A 129 -4.74 13.20 16.47
N ILE A 130 -3.72 13.91 16.99
CA ILE A 130 -3.80 14.62 18.29
C ILE A 130 -3.17 15.99 18.12
N LYS A 131 -3.76 17.01 18.79
CA LYS A 131 -3.20 18.36 18.83
C LYS A 131 -1.99 18.32 19.73
N MET A 132 -0.86 18.81 19.22
CA MET A 132 0.37 18.71 20.03
C MET A 132 1.21 19.97 20.05
N ALA A 133 1.99 20.13 21.12
CA ALA A 133 3.15 21.01 21.06
C ALA A 133 4.41 20.29 20.64
N GLU A 134 5.18 20.96 19.79
CA GLU A 134 6.50 20.52 19.40
C GLU A 134 7.53 21.41 20.14
N VAL A 135 8.37 20.81 20.98
CA VAL A 135 9.30 21.54 21.86
C VAL A 135 10.71 21.46 21.29
N ASN A 136 11.37 22.62 21.29
CA ASN A 136 12.71 22.76 20.72
C ASN A 136 13.48 23.93 21.36
N PHE A 137 14.81 23.91 21.14
CA PHE A 137 15.76 24.94 21.53
C PHE A 137 15.91 25.20 23.05
N LEU A 138 15.79 24.16 23.87
CA LEU A 138 16.08 24.29 25.28
C LEU A 138 17.58 24.58 25.46
N CYS A 139 17.93 25.61 26.21
CA CYS A 139 19.35 26.01 26.36
C CYS A 139 19.58 26.77 27.65
N VAL A 140 20.49 26.27 28.48
CA VAL A 140 21.00 27.03 29.63
C VAL A 140 22.47 27.36 29.30
N HIS A 141 22.85 28.61 29.54
CA HIS A 141 24.23 29.09 29.43
C HIS A 141 25.19 28.16 30.18
N LYS A 142 26.37 27.98 29.58
CA LYS A 142 27.44 27.12 30.12
C LYS A 142 27.81 27.43 31.59
N THR A 143 27.77 28.69 32.00
CA THR A 143 28.18 29.10 33.37
C THR A 143 27.19 28.62 34.44
N LEU A 144 26.09 28.04 34.01
CA LEU A 144 24.96 27.82 34.89
C LEU A 144 24.36 26.43 34.77
N ARG A 145 25.15 25.45 34.30
CA ARG A 145 24.68 24.06 34.13
C ARG A 145 24.61 23.35 35.50
N SER A 146 23.85 22.25 35.56
CA SER A 146 23.71 21.41 36.75
C SER A 146 23.21 22.14 37.98
N LYS A 147 22.30 23.09 37.76
CA LYS A 147 21.68 23.85 38.84
C LYS A 147 20.14 23.71 38.87
N ARG A 148 19.61 22.76 38.12
CA ARG A 148 18.15 22.42 38.10
C ARG A 148 17.26 23.50 37.45
N LEU A 149 17.83 24.26 36.51
CA LEU A 149 17.07 25.23 35.74
C LEU A 149 16.26 24.63 34.61
N ALA A 150 16.80 23.59 33.97
CA ALA A 150 16.11 22.88 32.91
C ALA A 150 14.65 22.51 33.32
N PRO A 151 14.46 21.80 34.46
CA PRO A 151 13.09 21.48 34.91
C PRO A 151 12.15 22.69 35.06
N VAL A 152 12.66 23.81 35.55
CA VAL A 152 11.83 25.00 35.66
C VAL A 152 11.37 25.43 34.28
N LEU A 153 12.31 25.48 33.32
CA LEU A 153 12.00 25.80 31.94
C LEU A 153 10.95 24.88 31.33
N ILE A 154 11.08 23.57 31.58
CA ILE A 154 10.12 22.54 31.08
C ILE A 154 8.71 22.66 31.73
N LYS A 155 8.65 22.88 33.03
CA LYS A 155 7.40 22.97 33.78
C LYS A 155 6.66 24.23 33.31
N GLU A 156 7.40 25.33 33.21
CA GLU A 156 6.83 26.59 32.71
C GLU A 156 6.23 26.47 31.32
N ILE A 157 6.97 25.95 30.34
CA ILE A 157 6.40 25.81 29.02
CA ILE A 157 6.42 25.78 28.99
C ILE A 157 5.20 24.85 29.06
N THR A 158 5.30 23.79 29.88
CA THR A 158 4.19 22.81 30.05
C THR A 158 2.94 23.55 30.45
N ARG A 159 3.04 24.31 31.54
CA ARG A 159 1.98 25.16 32.04
C ARG A 159 1.34 26.01 30.92
N ARG A 160 2.13 26.74 30.15
CA ARG A 160 1.56 27.64 29.12
C ARG A 160 0.94 26.87 27.98
N ILE A 161 1.45 25.66 27.74
CA ILE A 161 0.86 24.79 26.75
C ILE A 161 -0.50 24.30 27.21
N ASN A 162 -0.55 23.79 28.44
CA ASN A 162 -1.80 23.35 29.05
C ASN A 162 -2.93 24.42 29.06
N LEU A 163 -2.55 25.69 29.13
CA LEU A 163 -3.49 26.80 29.13
C LEU A 163 -4.24 26.93 27.80
N GLU A 164 -3.64 26.42 26.73
CA GLU A 164 -4.25 26.46 25.41
C GLU A 164 -4.98 25.14 25.16
N ASN A 165 -5.31 24.46 26.27
CA ASN A 165 -5.97 23.16 26.23
C ASN A 165 -5.23 22.14 25.35
N ILE A 166 -3.90 22.14 25.42
CA ILE A 166 -3.06 21.10 24.76
C ILE A 166 -2.27 20.36 25.85
N TRP A 167 -2.30 19.02 25.81
CA TRP A 167 -1.83 18.14 26.90
C TRP A 167 -0.74 17.13 26.45
N GLN A 168 -0.39 17.20 25.17
CA GLN A 168 0.59 16.34 24.55
C GLN A 168 1.70 17.16 23.86
N ALA A 169 2.89 16.55 23.82
CA ALA A 169 4.04 17.15 23.18
C ALA A 169 4.96 16.11 22.57
N ILE A 170 5.61 16.52 21.48
CA ILE A 170 6.68 15.73 20.84
C ILE A 170 8.00 16.50 20.94
N TYR A 171 9.07 15.79 21.27
CA TYR A 171 10.44 16.34 21.30
C TYR A 171 11.48 15.28 20.88
N THR A 172 12.65 15.74 20.43
CA THR A 172 13.80 14.86 20.14
C THR A 172 15.02 15.29 20.96
N ALA A 173 15.97 14.34 21.16
CA ALA A 173 17.27 14.59 21.82
C ALA A 173 18.28 13.50 21.42
N GLY A 174 19.56 13.87 21.58
CA GLY A 174 20.69 12.95 21.52
C GLY A 174 20.81 12.10 22.77
N VAL A 175 20.44 12.66 23.92
CA VAL A 175 20.54 11.96 25.22
C VAL A 175 19.38 11.01 25.44
N TYR A 176 19.56 10.05 26.35
CA TYR A 176 18.54 9.04 26.67
C TYR A 176 17.67 9.49 27.86
N LEU A 177 16.37 9.67 27.60
CA LEU A 177 15.42 10.02 28.64
C LEU A 177 14.33 8.96 28.67
N PRO A 178 13.51 8.94 29.75
CA PRO A 178 12.39 8.04 29.66
C PRO A 178 11.21 8.69 28.91
N LYS A 179 10.69 8.02 27.88
CA LYS A 179 11.33 6.89 27.21
C LYS A 179 11.08 7.07 25.73
N PRO A 180 12.06 6.76 24.87
CA PRO A 180 11.84 6.93 23.45
C PRO A 180 10.76 6.01 22.88
N VAL A 181 9.98 6.56 21.95
CA VAL A 181 9.06 5.78 21.10
C VAL A 181 9.75 5.18 19.87
N SER A 182 10.90 5.76 19.54
CA SER A 182 11.77 5.25 18.50
C SER A 182 13.16 5.83 18.66
N ASP A 183 14.15 5.17 18.06
CA ASP A 183 15.55 5.61 18.14
C ASP A 183 16.14 5.42 16.73
N ALA A 184 16.66 6.51 16.16
CA ALA A 184 17.29 6.51 14.82
C ALA A 184 18.74 7.02 14.75
N ARG A 185 19.60 6.20 14.14
CA ARG A 185 20.98 6.57 13.90
C ARG A 185 21.04 7.59 12.75
N TYR A 186 21.98 8.53 12.84
CA TYR A 186 22.23 9.41 11.71
C TYR A 186 23.40 8.94 10.83
N TYR A 187 23.38 9.38 9.57
CA TYR A 187 24.35 8.99 8.59
C TYR A 187 24.75 10.21 7.82
N HIS A 188 26.04 10.27 7.47
CA HIS A 188 26.60 11.44 6.81
CA HIS A 188 26.60 11.43 6.79
C HIS A 188 27.07 11.04 5.40
N ARG A 189 26.79 11.90 4.42
CA ARG A 189 27.37 11.71 3.07
C ARG A 189 28.33 12.85 2.70
N SER A 190 29.62 12.52 2.68
CA SER A 190 30.67 13.48 2.38
C SER A 190 30.49 14.12 1.00
N ILE A 191 30.64 15.44 0.93
CA ILE A 191 30.66 16.18 -0.37
C ILE A 191 32.01 16.86 -0.60
N ASN A 192 32.47 17.63 0.37
CA ASN A 192 33.80 18.22 0.39
C ASN A 192 34.70 17.44 1.42
N VAL A 193 35.15 16.26 0.98
CA VAL A 193 35.90 15.37 1.87
C VAL A 193 37.21 15.96 2.29
N LYS A 194 37.85 16.72 1.41
CA LYS A 194 39.11 17.44 1.73
C LYS A 194 38.98 18.25 3.04
N LYS A 195 37.84 18.92 3.21
CA LYS A 195 37.56 19.66 4.45
C LYS A 195 37.23 18.75 5.62
N LEU A 196 36.51 17.66 5.37
CA LEU A 196 36.13 16.73 6.42
C LEU A 196 37.35 16.08 7.06
N ILE A 197 38.34 15.67 6.26
CA ILE A 197 39.71 15.27 6.72
C ILE A 197 40.53 16.36 7.44
N GLU A 198 40.65 17.54 6.85
CA GLU A 198 41.47 18.62 7.46
C GLU A 198 41.01 19.05 8.87
N ILE A 199 39.70 19.01 9.14
CA ILE A 199 39.17 19.30 10.48
C ILE A 199 39.24 18.09 11.42
N GLY A 200 39.55 16.90 10.88
CA GLY A 200 39.73 15.69 11.67
C GLY A 200 38.54 14.75 11.81
N PHE A 201 37.41 15.12 11.21
CA PHE A 201 36.18 14.29 11.28
C PHE A 201 36.31 12.93 10.58
N SER A 202 36.76 12.99 9.30
CA SER A 202 37.04 11.82 8.45
C SER A 202 38.55 11.48 8.43
N SER A 203 38.85 10.22 8.14
CA SER A 203 40.22 9.75 8.20
C SER A 203 40.69 9.05 6.91
N LEU A 204 41.97 9.24 6.61
CA LEU A 204 42.64 8.54 5.52
C LEU A 204 43.39 7.31 6.07
N ASN A 205 43.87 6.48 5.15
CA ASN A 205 44.83 5.40 5.47
C ASN A 205 45.67 5.06 4.22
N SER A 206 46.63 4.14 4.37
CA SER A 206 47.58 3.80 3.28
C SER A 206 46.87 3.34 1.99
N ARG A 207 45.73 2.67 2.14
CA ARG A 207 44.84 2.24 1.06
C ARG A 207 44.08 3.45 0.46
N LEU A 208 43.36 4.18 1.31
CA LEU A 208 42.65 5.38 0.88
C LEU A 208 43.50 6.65 1.05
N THR A 209 44.27 6.99 0.02
CA THR A 209 45.13 8.19 0.02
C THR A 209 44.23 9.43 -0.10
N MET A 210 44.80 10.63 -0.04
CA MET A 210 44.02 11.88 -0.18
C MET A 210 43.32 11.94 -1.53
N SER A 211 44.04 11.63 -2.62
CA SER A 211 43.47 11.70 -3.95
C SER A 211 42.42 10.60 -4.17
N ARG A 212 42.64 9.39 -3.62
CA ARG A 212 41.66 8.29 -3.77
C ARG A 212 40.37 8.62 -3.06
N ALA A 213 40.48 9.23 -1.87
CA ALA A 213 39.33 9.77 -1.14
C ALA A 213 38.48 10.75 -1.94
N ILE A 214 39.11 11.76 -2.54
CA ILE A 214 38.39 12.71 -3.38
C ILE A 214 37.69 11.98 -4.56
N LYS A 215 38.40 11.04 -5.23
CA LYS A 215 37.88 10.28 -6.39
CA LYS A 215 37.87 10.30 -6.39
C LYS A 215 36.56 9.56 -6.07
N LEU A 216 36.52 8.92 -4.89
CA LEU A 216 35.39 8.15 -4.41
C LEU A 216 34.11 8.95 -4.12
N TYR A 217 34.23 10.20 -3.67
CA TYR A 217 33.02 10.92 -3.28
C TYR A 217 32.55 11.86 -4.39
N ARG A 218 33.18 11.74 -5.57
CA ARG A 218 32.85 12.58 -6.73
C ARG A 218 31.46 12.27 -7.21
N VAL A 219 30.71 13.30 -7.53
CA VAL A 219 29.41 13.10 -8.14
C VAL A 219 29.32 13.70 -9.55
N GLU A 220 28.59 13.03 -10.43
CA GLU A 220 28.26 13.54 -11.73
C GLU A 220 27.22 14.68 -11.62
N ASP A 221 27.53 15.82 -12.26
CA ASP A 221 26.71 17.05 -12.22
C ASP A 221 25.52 17.07 -13.24
N THR A 222 24.76 15.98 -13.26
CA THR A 222 23.60 15.82 -14.12
C THR A 222 22.55 15.09 -13.31
N LEU A 223 21.38 15.72 -13.20
CA LEU A 223 20.27 15.16 -12.45
C LEU A 223 19.63 13.94 -13.16
N ASN A 224 19.29 12.89 -12.41
CA ASN A 224 18.50 11.76 -12.96
C ASN A 224 17.08 12.19 -13.40
N ILE A 225 16.46 13.06 -12.62
CA ILE A 225 15.14 13.63 -12.93
C ILE A 225 15.34 15.03 -13.49
N LYS A 226 15.53 15.03 -14.81
CA LYS A 226 15.81 16.20 -15.64
CA LYS A 226 15.78 16.20 -15.68
C LYS A 226 15.12 17.53 -15.25
N ASN A 227 13.84 17.51 -14.91
CA ASN A 227 13.07 18.76 -14.71
C ASN A 227 12.93 19.27 -13.29
N MET A 228 13.48 18.53 -12.32
CA MET A 228 13.60 18.95 -10.94
C MET A 228 14.03 20.43 -10.81
N ARG A 229 13.17 21.23 -10.18
CA ARG A 229 13.38 22.68 -10.06
C ARG A 229 12.85 23.16 -8.73
N LEU A 230 13.32 24.32 -8.29
CA LEU A 230 12.83 24.95 -7.04
C LEU A 230 11.31 25.13 -7.02
N MET A 231 10.73 24.80 -5.86
CA MET A 231 9.33 24.99 -5.56
C MET A 231 8.92 26.46 -5.61
N LYS A 232 7.70 26.72 -6.07
CA LYS A 232 7.15 28.09 -6.16
C LYS A 232 5.69 28.05 -5.62
N LYS A 233 5.04 29.20 -5.45
CA LYS A 233 3.67 29.23 -4.84
C LYS A 233 2.62 28.34 -5.56
N LYS A 234 2.71 28.25 -6.89
CA LYS A 234 1.80 27.43 -7.70
C LYS A 234 1.93 25.92 -7.39
N ASP A 235 2.98 25.53 -6.64
CA ASP A 235 3.28 24.12 -6.31
C ASP A 235 2.77 23.64 -4.96
N VAL A 236 2.17 24.54 -4.17
CA VAL A 236 1.73 24.21 -2.79
C VAL A 236 0.69 23.07 -2.78
N GLU A 237 -0.39 23.22 -3.56
CA GLU A 237 -1.46 22.21 -3.66
C GLU A 237 -0.91 20.81 -4.03
N GLY A 238 0.00 20.77 -5.00
CA GLY A 238 0.56 19.53 -5.50
C GLY A 238 1.50 18.89 -4.49
N VAL A 239 2.21 19.74 -3.74
CA VAL A 239 3.04 19.28 -2.65
C VAL A 239 2.14 18.70 -1.56
N HIS A 240 1.08 19.42 -1.17
CA HIS A 240 0.10 18.91 -0.19
C HIS A 240 -0.46 17.50 -0.50
N LYS A 241 -1.03 17.29 -1.69
CA LYS A 241 -1.46 15.94 -2.14
C LYS A 241 -0.37 14.86 -2.03
N LEU A 242 0.75 15.10 -2.71
CA LEU A 242 1.81 14.07 -2.82
C LEU A 242 2.31 13.63 -1.43
N LEU A 243 2.76 14.61 -0.65
CA LEU A 243 3.27 14.38 0.69
C LEU A 243 2.19 13.91 1.72
N GLY A 244 0.94 14.37 1.60
CA GLY A 244 -0.15 13.91 2.49
C GLY A 244 -0.53 12.44 2.31
N SER A 245 -0.38 11.97 1.07
CA SER A 245 -0.62 10.57 0.69
CA SER A 245 -0.63 10.57 0.69
C SER A 245 0.53 9.66 1.12
N TYR A 246 1.76 10.09 0.87
CA TYR A 246 2.97 9.34 1.20
C TYR A 246 3.15 9.12 2.69
N LEU A 247 2.97 10.19 3.46
CA LEU A 247 3.15 10.12 4.90
C LEU A 247 2.20 9.15 5.63
N GLU A 248 0.97 8.97 5.13
CA GLU A 248 -0.07 8.13 5.81
C GLU A 248 0.28 6.68 6.23
N GLN A 249 1.27 6.07 5.58
CA GLN A 249 1.74 4.73 5.92
C GLN A 249 2.54 4.63 7.22
N PHE A 250 3.03 5.75 7.75
CA PHE A 250 3.93 5.69 8.91
C PHE A 250 3.13 5.69 10.22
N ASN A 251 3.77 5.19 11.28
CA ASN A 251 3.23 5.08 12.65
CA ASN A 251 3.16 5.09 12.60
C ASN A 251 3.20 6.44 13.35
N LEU A 252 4.11 7.33 12.94
CA LEU A 252 4.21 8.65 13.55
C LEU A 252 4.55 9.69 12.49
N TYR A 253 3.79 10.78 12.49
CA TYR A 253 3.89 11.83 11.47
C TYR A 253 2.93 13.01 11.73
N ALA A 254 3.24 14.15 11.13
CA ALA A 254 2.44 15.35 11.24
C ALA A 254 1.46 15.42 10.07
N VAL A 255 0.24 15.83 10.39
CA VAL A 255 -0.79 16.08 9.40
C VAL A 255 -0.57 17.55 8.97
N PHE A 256 -0.27 17.79 7.70
CA PHE A 256 -0.04 19.17 7.24
C PHE A 256 -1.27 19.77 6.54
N THR A 257 -1.58 21.03 6.88
CA THR A 257 -2.50 21.87 6.09
C THR A 257 -1.77 22.43 4.86
N LYS A 258 -2.52 23.11 3.98
CA LYS A 258 -2.00 23.83 2.83
C LYS A 258 -1.12 24.93 3.33
N GLU A 259 -1.55 25.55 4.42
CA GLU A 259 -0.85 26.69 5.02
C GLU A 259 0.55 26.24 5.56
N GLU A 260 0.56 25.17 6.37
CA GLU A 260 1.83 24.58 6.84
C GLU A 260 2.76 24.11 5.70
N ILE A 261 2.18 23.58 4.64
CA ILE A 261 2.96 23.14 3.49
C ILE A 261 3.72 24.33 2.95
N ALA A 262 3.01 25.42 2.65
CA ALA A 262 3.66 26.62 2.09
C ALA A 262 4.72 27.15 3.05
N HIS A 263 4.40 27.16 4.36
CA HIS A 263 5.37 27.58 5.35
C HIS A 263 6.64 26.70 5.41
N TRP A 264 6.50 25.38 5.39
CA TRP A 264 7.64 24.53 5.68
C TRP A 264 8.44 24.25 4.42
N PHE A 265 7.83 24.40 3.26
CA PHE A 265 8.55 24.01 2.04
C PHE A 265 8.98 25.13 1.08
N LEU A 266 8.27 26.26 1.06
CA LEU A 266 8.63 27.33 0.12
C LEU A 266 10.07 27.76 0.33
N PRO A 267 10.87 27.75 -0.74
CA PRO A 267 12.33 27.88 -0.51
C PRO A 267 12.73 29.21 0.07
N ILE A 268 13.68 29.15 0.99
CA ILE A 268 14.27 30.31 1.63
C ILE A 268 15.77 30.10 1.72
N GLU A 269 16.51 30.97 1.03
CA GLU A 269 17.97 30.96 0.90
C GLU A 269 18.66 30.75 2.26
N ASN A 270 19.49 29.71 2.34
CA ASN A 270 20.27 29.39 3.53
C ASN A 270 19.46 28.87 4.68
N VAL A 271 18.19 28.56 4.41
CA VAL A 271 17.32 27.99 5.41
C VAL A 271 16.75 26.64 4.96
N ILE A 272 15.94 26.67 3.90
CA ILE A 272 15.16 25.51 3.44
C ILE A 272 15.14 25.47 1.88
N TYR A 273 15.47 24.30 1.33
CA TYR A 273 15.47 24.08 -0.13
C TYR A 273 14.47 22.99 -0.48
N THR A 274 13.59 23.25 -1.44
CA THR A 274 12.62 22.27 -1.93
C THR A 274 12.60 22.29 -3.43
N TYR A 275 12.66 21.07 -3.97
CA TYR A 275 12.60 20.88 -5.40
C TYR A 275 11.41 19.98 -5.77
N VAL A 276 10.89 20.19 -6.98
CA VAL A 276 9.76 19.41 -7.44
C VAL A 276 9.95 19.06 -8.90
N ASN A 277 9.39 17.91 -9.24
CA ASN A 277 9.19 17.50 -10.62
C ASN A 277 7.71 17.56 -11.04
N GLU A 278 7.41 18.49 -11.97
CA GLU A 278 6.04 18.75 -12.42
C GLU A 278 5.84 18.27 -13.84
N GLU A 279 5.01 17.23 -14.02
CA GLU A 279 4.46 16.89 -15.33
C GLU A 279 2.90 16.96 -15.36
N ASN A 280 2.34 17.44 -16.48
CA ASN A 280 0.89 17.63 -16.68
C ASN A 280 0.20 18.62 -15.72
N GLY A 281 0.96 19.58 -15.20
CA GLY A 281 0.49 20.45 -14.12
C GLY A 281 0.39 19.73 -12.79
N LYS A 282 0.99 18.54 -12.69
CA LYS A 282 0.95 17.71 -11.46
C LYS A 282 2.34 17.49 -10.83
N ILE A 283 2.37 17.50 -9.49
CA ILE A 283 3.61 17.27 -8.74
C ILE A 283 3.74 15.79 -8.38
N LYS A 284 4.71 15.13 -9.01
CA LYS A 284 4.90 13.68 -8.96
C LYS A 284 6.14 13.25 -8.16
N ASP A 285 7.07 14.18 -7.92
CA ASP A 285 8.27 13.93 -7.05
C ASP A 285 8.72 15.21 -6.33
N MET A 286 9.33 15.02 -5.15
CA MET A 286 9.88 16.13 -4.37
C MET A 286 11.10 15.74 -3.52
N ILE A 287 11.97 16.73 -3.35
CA ILE A 287 13.20 16.63 -2.56
C ILE A 287 13.28 17.85 -1.63
N SER A 288 13.65 17.62 -0.36
CA SER A 288 13.89 18.74 0.56
C SER A 288 14.95 18.45 1.61
N PHE A 289 15.71 19.51 1.88
CA PHE A 289 16.77 19.48 2.87
C PHE A 289 16.87 20.85 3.51
N TYR A 290 17.22 20.90 4.80
CA TYR A 290 17.46 22.15 5.49
C TYR A 290 18.92 22.42 5.87
N SER A 291 19.26 23.71 6.01
CA SER A 291 20.61 24.13 6.33
C SER A 291 20.81 24.30 7.85
N LEU A 292 21.71 23.51 8.41
CA LEU A 292 22.09 23.64 9.78
C LEU A 292 23.61 23.71 9.85
N PRO A 293 24.17 24.93 9.94
CA PRO A 293 25.63 24.95 9.99
C PRO A 293 26.09 24.56 11.38
N SER A 294 27.33 24.10 11.51
CA SER A 294 27.94 23.93 12.83
C SER A 294 29.21 24.76 12.91
N GLN A 295 29.45 25.30 14.10
CA GLN A 295 30.72 25.89 14.43
C GLN A 295 31.75 24.77 14.63
N ILE A 296 32.87 24.86 13.91
CA ILE A 296 33.96 23.90 14.06
C ILE A 296 34.86 24.46 15.15
N LEU A 297 34.81 23.82 16.31
CA LEU A 297 35.51 24.31 17.47
C LEU A 297 37.05 24.28 17.35
N GLY A 298 37.66 25.45 17.57
CA GLY A 298 39.13 25.57 17.75
C GLY A 298 39.94 24.97 16.62
N ASN A 299 39.85 25.62 15.46
CA ASN A 299 40.50 25.16 14.24
C ASN A 299 41.03 26.38 13.53
N ASP A 300 42.34 26.37 13.28
CA ASP A 300 43.07 27.46 12.63
C ASP A 300 42.34 27.91 11.38
N LYS A 301 42.19 27.01 10.41
CA LYS A 301 41.74 27.29 9.03
C LYS A 301 40.23 27.40 8.77
N TYR A 302 39.43 26.56 9.45
CA TYR A 302 37.97 26.54 9.17
C TYR A 302 37.18 26.85 10.40
N SER A 303 36.14 27.68 10.27
CA SER A 303 35.28 27.95 11.44
C SER A 303 33.84 27.39 11.36
N THR A 304 33.38 27.10 10.14
CA THR A 304 31.99 26.76 9.84
C THR A 304 31.90 25.47 9.02
N LEU A 305 31.00 24.59 9.41
CA LEU A 305 30.69 23.41 8.62
C LEU A 305 29.34 23.63 7.97
N ASN A 306 29.30 23.68 6.64
CA ASN A 306 28.03 23.79 5.90
C ASN A 306 27.32 22.46 5.59
N ALA A 307 26.20 22.27 6.27
CA ALA A 307 25.55 20.99 6.29
C ALA A 307 24.10 21.08 5.85
N ALA A 308 23.77 20.17 4.97
CA ALA A 308 22.40 19.98 4.57
C ALA A 308 21.83 18.79 5.34
N TYR A 309 20.57 18.90 5.75
CA TYR A 309 19.88 17.82 6.46
C TYR A 309 18.62 17.42 5.71
N SER A 310 18.54 16.12 5.39
CA SER A 310 17.47 15.53 4.62
C SER A 310 16.16 15.76 5.33
N PHE A 311 15.18 16.29 4.58
CA PHE A 311 13.91 16.70 5.15
C PHE A 311 12.82 15.68 4.74
N TYR A 312 12.01 16.01 3.75
CA TYR A 312 11.07 15.04 3.19
C TYR A 312 11.27 14.77 1.67
N ASN A 313 11.29 13.49 1.29
CA ASN A 313 11.62 13.07 -0.08
C ASN A 313 10.64 12.00 -0.51
N VAL A 314 10.02 12.25 -1.67
CA VAL A 314 8.99 11.37 -2.24
C VAL A 314 9.13 11.29 -3.76
N THR A 315 9.23 10.08 -4.29
CA THR A 315 9.23 9.84 -5.73
C THR A 315 8.07 8.94 -6.24
N THR A 316 7.56 9.27 -7.43
CA THR A 316 6.60 8.38 -8.16
C THR A 316 7.05 8.08 -9.61
N THR A 317 8.16 8.66 -10.04
CA THR A 317 8.60 8.49 -11.42
C THR A 317 10.01 7.88 -11.53
N ALA A 318 10.66 7.64 -10.39
CA ALA A 318 12.00 7.03 -10.35
C ALA A 318 12.18 6.20 -9.09
N THR A 319 13.37 5.62 -8.88
CA THR A 319 13.62 4.86 -7.65
C THR A 319 14.00 5.85 -6.56
N PHE A 320 13.73 5.46 -5.31
CA PHE A 320 14.14 6.23 -4.17
C PHE A 320 15.66 6.49 -4.20
N LYS A 321 16.41 5.48 -4.62
CA LYS A 321 17.84 5.61 -4.84
C LYS A 321 18.18 6.78 -5.78
N GLN A 322 17.49 6.87 -6.91
CA GLN A 322 17.79 7.90 -7.88
C GLN A 322 17.42 9.28 -7.34
N LEU A 323 16.32 9.33 -6.60
CA LEU A 323 15.87 10.57 -6.02
C LEU A 323 16.91 11.16 -5.07
N MET A 324 17.48 10.33 -4.22
CA MET A 324 18.37 10.82 -3.20
C MET A 324 19.76 11.18 -3.74
N GLN A 325 20.16 10.49 -4.80
CA GLN A 325 21.35 10.84 -5.56
C GLN A 325 21.19 12.25 -6.13
N ASP A 326 19.98 12.57 -6.57
CA ASP A 326 19.65 13.91 -7.02
C ASP A 326 19.57 14.92 -5.89
N ALA A 327 19.19 14.46 -4.70
CA ALA A 327 19.21 15.31 -3.52
C ALA A 327 20.68 15.67 -3.20
N ILE A 328 21.57 14.66 -3.25
CA ILE A 328 22.99 14.86 -2.94
C ILE A 328 23.61 15.84 -3.94
N LEU A 329 23.30 15.67 -5.22
CA LEU A 329 23.69 16.63 -6.24
C LEU A 329 23.16 18.04 -5.98
N LEU A 330 21.91 18.13 -5.60
CA LEU A 330 21.33 19.44 -5.31
C LEU A 330 21.97 20.12 -4.09
N ALA A 331 22.32 19.32 -3.07
CA ALA A 331 23.12 19.79 -1.94
C ALA A 331 24.49 20.31 -2.36
N LYS A 332 25.24 19.51 -3.13
CA LYS A 332 26.57 19.93 -3.68
C LYS A 332 26.46 21.25 -4.47
N ARG A 333 25.40 21.42 -5.27
CA ARG A 333 25.30 22.62 -6.13
C ARG A 333 25.02 23.87 -5.34
N ASN A 334 24.57 23.70 -4.10
CA ASN A 334 24.38 24.82 -3.19
C ASN A 334 25.46 24.97 -2.11
N ASN A 335 26.67 24.45 -2.36
CA ASN A 335 27.87 24.71 -1.52
C ASN A 335 27.93 24.04 -0.16
N PHE A 336 27.03 23.09 0.09
CA PHE A 336 27.11 22.25 1.29
C PHE A 336 28.28 21.28 1.32
N ASP A 337 28.87 21.10 2.51
CA ASP A 337 30.02 20.25 2.73
C ASP A 337 29.62 18.80 2.97
N VAL A 338 28.39 18.61 3.45
CA VAL A 338 27.96 17.28 3.87
C VAL A 338 26.46 17.18 3.78
N PHE A 339 25.97 15.97 3.48
CA PHE A 339 24.53 15.67 3.49
C PHE A 339 24.20 14.66 4.56
N ASN A 340 23.41 15.04 5.56
CA ASN A 340 23.06 14.17 6.69
C ASN A 340 21.61 13.67 6.62
N ALA A 341 21.38 12.42 7.00
CA ALA A 341 20.03 11.89 7.11
C ALA A 341 19.87 10.95 8.33
N LEU A 342 18.61 10.70 8.72
CA LEU A 342 18.30 9.66 9.68
C LEU A 342 17.78 8.43 8.97
N GLU A 343 17.94 7.29 9.63
CA GLU A 343 17.33 6.01 9.20
C GLU A 343 15.79 5.95 9.38
N VAL A 344 15.10 7.04 9.08
CA VAL A 344 13.64 7.08 9.13
C VAL A 344 13.09 6.88 7.73
N MET A 345 11.76 6.70 7.62
CA MET A 345 11.05 6.49 6.32
C MET A 345 11.74 5.44 5.43
N GLN A 346 12.09 5.74 4.17
CA GLN A 346 12.73 4.72 3.33
C GLN A 346 14.24 4.84 3.30
N ASN A 347 14.79 5.74 4.12
CA ASN A 347 16.20 6.14 4.00
C ASN A 347 17.24 5.02 4.17
N LYS A 348 17.12 4.23 5.25
CA LYS A 348 18.06 3.13 5.51
C LYS A 348 18.47 2.41 4.21
N SER A 349 17.50 2.01 3.38
CA SER A 349 17.74 1.23 2.15
C SER A 349 18.71 1.81 1.11
N VAL A 350 19.02 3.11 1.21
CA VAL A 350 19.92 3.71 0.22
C VAL A 350 21.30 4.13 0.75
N PHE A 351 21.51 4.03 2.07
CA PHE A 351 22.78 4.51 2.66
C PHE A 351 24.04 3.83 2.11
N GLU A 352 24.00 2.50 1.97
CA GLU A 352 25.15 1.73 1.46
C GLU A 352 25.49 2.03 -0.03
N ASP A 353 24.48 1.99 -0.89
CA ASP A 353 24.72 2.28 -2.32
C ASP A 353 25.19 3.71 -2.60
N LEU A 354 24.72 4.69 -1.82
CA LEU A 354 25.07 6.10 -2.02
C LEU A 354 26.26 6.59 -1.20
N LYS A 355 26.94 5.67 -0.50
CA LYS A 355 28.22 5.98 0.21
C LYS A 355 28.04 6.87 1.45
N PHE A 356 27.06 6.55 2.28
CA PHE A 356 26.87 7.25 3.54
C PHE A 356 27.66 6.51 4.60
N GLY A 357 28.17 7.24 5.59
CA GLY A 357 28.85 6.61 6.73
C GLY A 357 27.96 6.67 7.96
N GLU A 358 28.01 5.60 8.76
CA GLU A 358 27.33 5.59 10.04
C GLU A 358 28.04 6.54 10.99
N GLY A 359 27.28 7.47 11.59
CA GLY A 359 27.80 8.49 12.55
C GLY A 359 27.95 7.90 13.94
N ASP A 360 28.35 8.71 14.91
CA ASP A 360 28.65 8.19 16.26
C ASP A 360 27.52 8.05 17.32
N GLY A 361 26.36 8.70 17.10
CA GLY A 361 25.28 8.62 18.08
C GLY A 361 23.94 8.31 17.46
N SER A 362 22.88 8.73 18.14
CA SER A 362 21.55 8.56 17.58
C SER A 362 20.56 9.53 18.17
N LEU A 363 19.53 9.81 17.38
CA LEU A 363 18.48 10.74 17.72
C LEU A 363 17.23 9.99 18.21
N LYS A 364 16.80 10.30 19.44
CA LYS A 364 15.63 9.64 20.06
C LYS A 364 14.37 10.48 19.91
N TYR A 365 13.24 9.82 19.64
CA TYR A 365 11.95 10.50 19.53
C TYR A 365 11.09 10.22 20.76
N TYR A 366 10.56 11.29 21.36
CA TYR A 366 9.77 11.17 22.61
C TYR A 366 8.41 11.85 22.48
N LEU A 367 7.40 11.32 23.19
CA LEU A 367 6.14 12.02 23.40
C LEU A 367 5.94 12.31 24.89
N TYR A 368 5.23 13.40 25.17
CA TYR A 368 4.82 13.71 26.54
C TYR A 368 3.35 13.37 26.76
N ASN A 369 3.08 12.63 27.84
CA ASN A 369 1.72 12.20 28.19
C ASN A 369 1.06 11.42 27.05
N TRP A 370 1.79 10.43 26.54
CA TRP A 370 1.26 9.46 25.58
C TRP A 370 1.77 8.01 25.82
N LYS A 371 0.83 7.09 25.97
CA LYS A 371 1.07 5.65 26.22
C LYS A 371 0.92 4.87 24.90
N CYS A 372 1.97 4.19 24.44
CA CYS A 372 1.92 3.40 23.16
C CYS A 372 3.10 2.46 22.92
N ALA A 373 2.95 1.55 21.95
CA ALA A 373 4.04 0.65 21.54
C ALA A 373 5.19 1.46 20.95
N SER A 374 6.43 1.15 21.37
CA SER A 374 7.62 1.66 20.70
C SER A 374 7.77 0.91 19.38
N PHE A 375 8.53 1.50 18.44
CA PHE A 375 8.67 0.99 17.05
C PHE A 375 10.00 1.34 16.39
N ALA A 376 10.38 0.57 15.38
CA ALA A 376 11.65 0.74 14.63
C ALA A 376 11.64 2.04 13.77
N PRO A 377 12.82 2.67 13.54
CA PRO A 377 12.81 4.00 12.90
C PRO A 377 12.26 4.08 11.47
N ALA A 378 12.12 2.93 10.80
CA ALA A 378 11.47 2.85 9.47
C ALA A 378 10.00 3.31 9.52
N HIS A 379 9.36 3.11 10.67
CA HIS A 379 7.95 3.50 10.88
C HIS A 379 7.75 4.97 11.32
N VAL A 380 8.86 5.67 11.57
CA VAL A 380 8.88 7.09 11.90
C VAL A 380 8.80 7.93 10.61
N GLY A 381 7.76 8.76 10.50
CA GLY A 381 7.62 9.62 9.31
C GLY A 381 7.57 11.11 9.56
N ILE A 382 8.26 11.57 10.59
CA ILE A 382 8.41 13.00 10.88
C ILE A 382 9.91 13.34 11.06
N VAL A 383 10.34 14.50 10.57
CA VAL A 383 11.70 15.02 10.83
C VAL A 383 11.55 16.38 11.49
N LEU A 384 12.22 16.52 12.62
CA LEU A 384 12.19 17.70 13.47
C LEU A 384 13.47 18.48 13.39
N LEU A 385 13.35 19.78 13.57
CA LEU A 385 14.49 20.71 13.41
C LEU A 385 15.59 20.56 14.47
N ILE B 1 30.62 -10.90 -11.60
CA ILE B 1 31.47 -11.88 -12.35
C ILE B 1 30.97 -11.94 -13.82
N ASP B 2 30.60 -13.12 -14.33
CA ASP B 2 30.16 -13.29 -15.74
C ASP B 2 28.69 -13.71 -15.94
N TYR B 3 28.24 -14.72 -15.19
CA TYR B 3 26.85 -15.21 -15.25
C TYR B 3 26.42 -15.70 -16.65
N LYS B 4 27.24 -16.54 -17.28
CA LYS B 4 27.00 -17.07 -18.64
C LYS B 4 25.67 -17.79 -18.78
N PHE B 5 25.35 -18.67 -17.83
CA PHE B 5 24.01 -19.29 -17.76
C PHE B 5 22.90 -18.28 -17.43
N TRP B 6 23.02 -17.52 -16.34
CA TRP B 6 21.89 -16.70 -15.83
C TRP B 6 21.41 -15.56 -16.75
N TYR B 7 22.29 -15.11 -17.65
CA TYR B 7 21.95 -14.05 -18.61
C TYR B 7 21.09 -14.50 -19.77
N THR B 8 21.13 -15.80 -20.03
CA THR B 8 20.26 -16.47 -21.00
C THR B 8 18.80 -16.55 -20.52
N GLN B 9 18.60 -16.39 -19.20
CA GLN B 9 17.30 -16.58 -18.49
C GLN B 9 16.49 -15.26 -18.26
N PRO B 10 15.13 -15.34 -18.13
CA PRO B 10 14.30 -14.15 -17.86
C PRO B 10 14.38 -13.68 -16.41
N VAL B 11 15.54 -13.12 -16.05
CA VAL B 11 15.76 -12.49 -14.72
C VAL B 11 16.48 -11.15 -14.90
N PRO B 12 16.49 -10.28 -13.87
CA PRO B 12 17.26 -9.04 -14.10
C PRO B 12 18.77 -9.24 -14.32
N LYS B 13 19.36 -8.32 -15.07
CA LYS B 13 20.79 -8.22 -15.21
C LYS B 13 21.30 -7.52 -13.93
N ILE B 14 22.59 -7.66 -13.67
CA ILE B 14 23.19 -7.13 -12.45
C ILE B 14 22.90 -5.62 -12.21
N ASN B 15 22.72 -4.87 -13.29
CA ASN B 15 22.54 -3.43 -13.20
C ASN B 15 21.11 -2.91 -13.23
N ASP B 16 20.13 -3.80 -13.45
CA ASP B 16 18.73 -3.42 -13.52
C ASP B 16 18.18 -3.01 -12.15
N GLU B 17 17.42 -1.92 -12.15
CA GLU B 17 16.56 -1.53 -11.02
C GLU B 17 15.25 -1.04 -11.62
N PHE B 18 14.16 -1.22 -10.88
CA PHE B 18 12.82 -0.83 -11.33
C PHE B 18 12.04 0.02 -10.33
N ASN B 19 11.26 0.96 -10.88
CA ASN B 19 10.23 1.72 -10.16
C ASN B 19 9.22 0.81 -9.49
N GLU B 20 8.66 1.28 -8.39
CA GLU B 20 7.65 0.54 -7.64
C GLU B 20 6.43 0.19 -8.50
N SER B 21 6.11 1.08 -9.45
CA SER B 21 5.07 0.83 -10.46
C SER B 21 5.32 -0.37 -11.45
N VAL B 22 6.55 -0.89 -11.52
CA VAL B 22 6.84 -2.02 -12.41
C VAL B 22 6.58 -3.31 -11.62
N ASN B 23 5.64 -4.12 -12.11
CA ASN B 23 5.27 -5.40 -11.44
C ASN B 23 4.65 -6.34 -12.50
N GLU B 24 5.50 -7.02 -13.26
CA GLU B 24 5.09 -7.80 -14.45
C GLU B 24 6.13 -8.91 -14.82
N PRO B 25 5.73 -9.86 -15.69
CA PRO B 25 6.71 -10.84 -16.14
C PRO B 25 7.77 -10.22 -17.05
N PHE B 26 8.93 -10.84 -17.13
CA PHE B 26 9.88 -10.50 -18.17
C PHE B 26 9.30 -10.91 -19.52
N ILE B 27 8.83 -12.15 -19.63
CA ILE B 27 8.23 -12.64 -20.87
C ILE B 27 6.74 -12.95 -20.64
N SER B 28 5.89 -12.27 -21.40
CA SER B 28 4.43 -12.49 -21.33
C SER B 28 3.88 -13.46 -22.40
N ASP B 29 2.62 -13.85 -22.27
CA ASP B 29 1.91 -14.64 -23.31
C ASP B 29 2.71 -15.92 -23.66
N ASN B 30 2.91 -16.77 -22.65
CA ASN B 30 3.51 -18.09 -22.82
C ASN B 30 2.52 -19.20 -23.15
N LYS B 31 2.97 -20.18 -23.95
CA LYS B 31 2.10 -21.25 -24.44
C LYS B 31 2.60 -22.66 -24.12
N VAL B 32 1.75 -23.41 -23.42
CA VAL B 32 2.01 -24.80 -23.02
C VAL B 32 2.36 -25.66 -24.25
N GLU B 33 1.61 -25.42 -25.32
CA GLU B 33 1.71 -26.04 -26.65
C GLU B 33 3.13 -26.02 -27.23
N ASP B 34 3.86 -24.94 -26.91
CA ASP B 34 5.19 -24.64 -27.42
C ASP B 34 6.36 -25.14 -26.58
N VAL B 35 6.11 -25.40 -25.29
CA VAL B 35 7.11 -25.99 -24.38
C VAL B 35 7.67 -27.30 -24.92
N ARG B 36 9.00 -27.42 -24.84
CA ARG B 36 9.72 -28.59 -25.25
C ARG B 36 9.17 -29.84 -24.56
N LYS B 37 8.90 -30.86 -25.37
CA LYS B 37 8.36 -32.12 -24.87
C LYS B 37 9.48 -33.13 -24.51
N ASP B 38 10.67 -32.93 -25.08
CA ASP B 38 11.86 -33.75 -24.79
C ASP B 38 12.56 -33.30 -23.50
N GLU B 39 12.97 -34.26 -22.65
CA GLU B 39 13.85 -33.98 -21.48
C GLU B 39 15.20 -33.44 -21.94
N TYR B 40 15.81 -32.52 -21.18
CA TYR B 40 17.19 -32.06 -21.50
C TYR B 40 18.22 -33.19 -21.48
N LYS B 41 19.24 -33.10 -22.34
CA LYS B 41 20.20 -34.19 -22.49
C LYS B 41 21.20 -34.08 -21.38
N LEU B 42 21.53 -35.20 -20.79
CA LEU B 42 22.56 -35.26 -19.75
C LEU B 42 23.92 -35.71 -20.34
N PRO B 43 25.04 -35.55 -19.58
CA PRO B 43 26.29 -36.14 -20.08
C PRO B 43 26.20 -37.67 -20.15
N PRO B 44 27.02 -38.29 -21.03
CA PRO B 44 27.17 -39.75 -21.17
C PRO B 44 27.24 -40.52 -19.85
N GLY B 45 26.53 -41.66 -19.76
CA GLY B 45 26.36 -42.47 -18.51
C GLY B 45 25.50 -41.90 -17.38
N TYR B 46 24.75 -40.84 -17.65
CA TYR B 46 23.90 -40.18 -16.62
C TYR B 46 22.44 -40.16 -16.99
N SER B 47 21.57 -40.29 -15.99
CA SER B 47 20.14 -40.47 -16.25
C SER B 47 19.16 -39.74 -15.33
N TRP B 48 18.00 -39.39 -15.90
CA TRP B 48 16.89 -38.79 -15.14
C TRP B 48 16.16 -39.89 -14.37
N TYR B 49 15.67 -39.58 -13.17
CA TYR B 49 14.98 -40.59 -12.38
C TYR B 49 13.76 -39.98 -11.73
N VAL B 50 12.64 -40.65 -11.93
CA VAL B 50 11.39 -40.30 -11.25
C VAL B 50 11.51 -40.73 -9.78
N CYS B 51 11.73 -39.75 -8.92
CA CYS B 51 11.75 -39.92 -7.46
C CYS B 51 10.33 -39.99 -6.90
N ASP B 52 10.11 -40.97 -6.01
CA ASP B 52 8.88 -41.12 -5.24
C ASP B 52 9.16 -40.91 -3.76
N VAL B 53 8.93 -39.67 -3.33
CA VAL B 53 9.24 -39.21 -1.97
C VAL B 53 8.47 -40.00 -0.91
N LYS B 54 7.26 -40.47 -1.27
CA LYS B 54 6.46 -41.39 -0.45
C LYS B 54 7.07 -42.80 -0.28
N ASP B 55 7.79 -43.27 -1.30
CA ASP B 55 8.52 -44.56 -1.29
C ASP B 55 9.79 -44.48 -0.41
N GLU B 56 9.88 -45.37 0.57
CA GLU B 56 10.94 -45.41 1.59
C GLU B 56 12.36 -45.39 0.97
N LYS B 57 12.58 -46.33 0.05
CA LYS B 57 13.85 -46.50 -0.63
C LYS B 57 14.33 -45.21 -1.32
N ASP B 58 13.48 -44.60 -2.13
CA ASP B 58 13.82 -43.35 -2.85
C ASP B 58 14.14 -42.21 -1.89
N ARG B 59 13.36 -42.12 -0.81
CA ARG B 59 13.48 -41.01 0.11
C ARG B 59 14.81 -41.13 0.86
N SER B 60 15.24 -42.37 1.04
CA SER B 60 16.48 -42.64 1.71
C SER B 60 17.67 -42.35 0.79
N GLU B 61 17.47 -42.47 -0.52
CA GLU B 61 18.52 -42.08 -1.49
C GLU B 61 18.67 -40.57 -1.49
N ILE B 62 17.54 -39.85 -1.57
CA ILE B 62 17.55 -38.38 -1.49
C ILE B 62 18.23 -37.93 -0.18
N TYR B 63 17.87 -38.57 0.94
CA TYR B 63 18.45 -38.25 2.23
C TYR B 63 19.99 -38.35 2.24
N THR B 64 20.54 -39.44 1.70
CA THR B 64 21.99 -39.69 1.68
C THR B 64 22.75 -38.65 0.84
N LEU B 65 22.22 -38.37 -0.35
CA LEU B 65 22.79 -37.34 -1.22
C LEU B 65 22.89 -35.98 -0.49
N LEU B 66 21.77 -35.50 0.03
CA LEU B 66 21.71 -34.28 0.84
C LEU B 66 22.60 -34.32 2.08
N THR B 67 22.58 -35.44 2.84
CA THR B 67 23.42 -35.58 4.03
C THR B 67 24.90 -35.33 3.74
N ASP B 68 25.42 -35.91 2.65
CA ASP B 68 26.85 -35.81 2.30
C ASP B 68 27.26 -34.60 1.49
N ASN B 69 26.32 -34.00 0.76
CA ASN B 69 26.63 -33.07 -0.33
C ASN B 69 25.97 -31.71 -0.31
N TYR B 70 25.11 -31.47 0.69
CA TYR B 70 24.30 -30.25 0.72
C TYR B 70 25.07 -28.98 1.21
N VAL B 71 24.40 -27.85 1.40
CA VAL B 71 25.06 -26.57 1.74
C VAL B 71 25.92 -26.54 3.04
N GLU B 72 27.07 -25.85 2.96
CA GLU B 72 27.95 -25.62 4.12
C GLU B 72 28.27 -24.15 4.24
N ASP B 73 28.39 -23.65 5.46
CA ASP B 73 28.76 -22.23 5.66
C ASP B 73 30.17 -22.02 5.16
N ASP B 74 30.49 -20.76 4.84
CA ASP B 74 31.80 -20.37 4.29
C ASP B 74 33.00 -20.80 5.14
N ASP B 75 32.76 -21.16 6.39
CA ASP B 75 33.83 -21.53 7.28
C ASP B 75 34.03 -23.04 7.45
N ASN B 76 33.09 -23.79 6.87
CA ASN B 76 33.03 -25.27 6.94
C ASN B 76 32.94 -25.84 8.38
N ILE B 77 32.18 -25.15 9.22
CA ILE B 77 31.83 -25.64 10.55
C ILE B 77 30.67 -26.65 10.44
N PHE B 78 29.71 -26.34 9.54
CA PHE B 78 28.40 -27.03 9.48
C PHE B 78 28.01 -27.51 8.09
N ARG B 79 27.22 -28.58 8.04
CA ARG B 79 26.48 -28.91 6.82
C ARG B 79 25.04 -29.17 7.26
N PHE B 80 24.08 -28.64 6.51
CA PHE B 80 22.67 -28.90 6.83
C PHE B 80 22.36 -30.39 6.74
N ASN B 81 21.42 -30.85 7.56
CA ASN B 81 21.07 -32.27 7.64
C ASN B 81 19.56 -32.45 7.86
N TYR B 82 18.76 -32.14 6.82
CA TYR B 82 17.29 -32.31 6.88
C TYR B 82 17.00 -33.78 7.10
N SER B 83 16.10 -34.07 8.03
CA SER B 83 15.68 -35.45 8.29
C SER B 83 14.79 -35.96 7.13
N ALA B 84 14.79 -37.27 6.91
CA ALA B 84 14.00 -37.92 5.85
C ALA B 84 12.53 -37.55 6.03
N GLU B 85 12.13 -37.46 7.29
CA GLU B 85 10.79 -37.06 7.68
C GLU B 85 10.53 -35.63 7.33
N PHE B 86 11.52 -34.75 7.51
CA PHE B 86 11.36 -33.35 7.14
C PHE B 86 11.07 -33.32 5.64
N LEU B 87 11.94 -34.02 4.88
CA LEU B 87 11.85 -34.07 3.42
C LEU B 87 10.47 -34.47 2.92
N LEU B 88 9.89 -35.49 3.53
CA LEU B 88 8.55 -35.89 3.18
C LEU B 88 7.53 -34.75 3.39
N TRP B 89 7.62 -34.07 4.53
CA TRP B 89 6.78 -32.90 4.81
C TRP B 89 6.92 -31.76 3.78
N ALA B 90 8.15 -31.52 3.34
CA ALA B 90 8.51 -30.38 2.48
C ALA B 90 8.14 -30.60 1.04
N LEU B 91 7.98 -31.86 0.68
CA LEU B 91 7.76 -32.14 -0.75
C LEU B 91 6.36 -32.62 -1.08
N THR B 92 5.57 -32.92 -0.04
CA THR B 92 4.21 -33.44 -0.27
C THR B 92 3.08 -32.53 0.15
N SER B 93 3.32 -31.22 0.17
CA SER B 93 2.26 -30.23 0.31
C SER B 93 1.09 -30.37 -0.74
N PRO B 94 -0.08 -29.76 -0.45
CA PRO B 94 -1.31 -29.94 -1.25
C PRO B 94 -1.21 -29.62 -2.72
N ASN B 95 -1.69 -30.56 -3.54
CA ASN B 95 -1.62 -30.48 -5.00
C ASN B 95 -0.18 -30.58 -5.56
N TYR B 96 0.73 -31.22 -4.83
CA TYR B 96 2.10 -31.32 -5.29
C TYR B 96 2.17 -32.16 -6.57
N LEU B 97 3.20 -31.94 -7.39
CA LEU B 97 3.37 -32.74 -8.60
C LEU B 97 4.54 -33.68 -8.49
N LYS B 98 4.27 -34.94 -8.76
CA LYS B 98 5.29 -35.98 -8.74
C LYS B 98 6.43 -35.68 -9.75
N THR B 99 6.07 -35.24 -10.96
CA THR B 99 7.05 -34.94 -12.03
C THR B 99 8.01 -33.81 -11.66
N TRP B 100 7.73 -33.12 -10.55
CA TRP B 100 8.61 -32.05 -10.05
C TRP B 100 9.61 -32.43 -8.96
N HIS B 101 9.75 -33.74 -8.67
CA HIS B 101 10.80 -34.21 -7.78
C HIS B 101 11.71 -35.01 -8.66
N ILE B 102 12.86 -34.42 -8.98
CA ILE B 102 13.72 -34.88 -10.05
C ILE B 102 15.11 -35.25 -9.56
N GLY B 103 15.51 -36.49 -9.80
CA GLY B 103 16.86 -36.93 -9.51
C GLY B 103 17.69 -37.26 -10.75
N VAL B 104 19.01 -37.22 -10.59
CA VAL B 104 19.99 -37.68 -11.59
C VAL B 104 20.87 -38.78 -11.00
N LYS B 105 21.08 -39.84 -11.80
CA LYS B 105 21.82 -41.07 -11.45
C LYS B 105 23.02 -41.38 -12.35
N TYR B 106 24.10 -41.89 -11.75
CA TYR B 106 25.21 -42.45 -12.52
C TYR B 106 24.86 -43.91 -12.80
N ASP B 107 24.71 -44.25 -14.07
CA ASP B 107 24.12 -45.53 -14.50
C ASP B 107 24.85 -46.82 -14.13
N ALA B 108 26.17 -46.75 -14.18
CA ALA B 108 27.05 -47.85 -13.79
C ALA B 108 26.91 -48.20 -12.29
N SER B 109 27.09 -47.20 -11.42
CA SER B 109 26.99 -47.36 -9.95
C SER B 109 25.58 -47.24 -9.36
N ASN B 110 24.61 -46.79 -10.17
CA ASN B 110 23.17 -46.68 -9.77
C ASN B 110 22.90 -45.76 -8.54
N LYS B 111 23.84 -44.86 -8.27
CA LYS B 111 23.80 -43.92 -7.16
C LYS B 111 23.08 -42.60 -7.56
N LEU B 112 22.35 -42.01 -6.60
CA LEU B 112 21.80 -40.67 -6.80
C LEU B 112 22.94 -39.67 -6.70
N ILE B 113 23.18 -38.93 -7.79
CA ILE B 113 24.26 -37.93 -7.80
C ILE B 113 23.79 -36.47 -7.89
N GLY B 114 22.52 -36.28 -8.27
CA GLY B 114 21.89 -34.97 -8.39
C GLY B 114 20.39 -34.91 -8.08
N PHE B 115 19.93 -33.74 -7.66
CA PHE B 115 18.55 -33.53 -7.22
C PHE B 115 18.07 -32.08 -7.33
N ILE B 116 16.80 -31.89 -7.67
CA ILE B 116 16.16 -30.56 -7.67
C ILE B 116 14.65 -30.71 -7.44
N SER B 117 14.03 -29.77 -6.72
CA SER B 117 12.59 -29.91 -6.47
C SER B 117 11.83 -28.60 -6.41
N ALA B 118 10.52 -28.70 -6.61
CA ALA B 118 9.64 -27.56 -6.39
C ALA B 118 8.27 -28.05 -6.02
N ILE B 119 7.52 -27.18 -5.34
CA ILE B 119 6.13 -27.43 -5.07
C ILE B 119 5.35 -26.19 -5.56
N PRO B 120 4.05 -26.35 -5.88
CA PRO B 120 3.21 -25.22 -6.27
C PRO B 120 2.65 -24.42 -5.10
N THR B 121 2.50 -23.12 -5.28
CA THR B 121 1.96 -22.23 -4.22
C THR B 121 1.54 -20.87 -4.80
N ASP B 122 0.50 -20.26 -4.21
CA ASP B 122 0.02 -18.94 -4.65
C ASP B 122 0.84 -17.83 -3.97
N ILE B 123 1.54 -17.02 -4.76
CA ILE B 123 2.44 -15.98 -4.27
C ILE B 123 1.96 -14.55 -4.61
N CYS B 124 1.84 -13.72 -3.56
CA CYS B 124 1.56 -12.29 -3.65
C CYS B 124 2.83 -11.41 -3.56
N ILE B 125 3.08 -10.63 -4.62
CA ILE B 125 4.24 -9.73 -4.76
C ILE B 125 3.71 -8.33 -5.16
N HIS B 126 4.07 -7.28 -4.37
CA HIS B 126 3.46 -5.91 -4.47
CA HIS B 126 3.51 -5.93 -4.56
C HIS B 126 1.98 -5.99 -4.87
N LYS B 127 1.23 -6.74 -4.07
CA LYS B 127 -0.24 -6.87 -4.20
C LYS B 127 -0.80 -7.62 -5.44
N ARG B 128 0.05 -8.21 -6.28
CA ARG B 128 -0.47 -9.12 -7.32
CA ARG B 128 -0.42 -9.11 -7.35
C ARG B 128 -0.19 -10.58 -6.96
N THR B 129 -1.26 -11.39 -7.03
CA THR B 129 -1.22 -12.83 -6.74
C THR B 129 -0.94 -13.71 -7.97
N ILE B 130 0.17 -14.45 -7.91
CA ILE B 130 0.61 -15.29 -9.01
C ILE B 130 0.83 -16.77 -8.59
N LYS B 131 0.20 -17.65 -9.34
CA LYS B 131 0.41 -19.10 -9.24
C LYS B 131 1.86 -19.43 -9.61
N MET B 132 2.70 -19.70 -8.60
CA MET B 132 4.15 -19.93 -8.77
C MET B 132 4.64 -21.33 -8.35
N ALA B 133 5.95 -21.57 -8.49
CA ALA B 133 6.59 -22.75 -7.97
C ALA B 133 7.63 -22.30 -6.96
N GLU B 134 7.79 -23.07 -5.89
CA GLU B 134 8.72 -22.76 -4.81
C GLU B 134 9.88 -23.78 -4.97
N VAL B 135 11.04 -23.38 -5.49
CA VAL B 135 12.13 -24.32 -5.85
C VAL B 135 13.15 -24.54 -4.73
N ASN B 136 13.34 -25.81 -4.32
CA ASN B 136 14.29 -26.15 -3.24
C ASN B 136 15.11 -27.42 -3.44
N PHE B 137 16.21 -27.57 -2.70
CA PHE B 137 17.03 -28.80 -2.62
C PHE B 137 17.92 -29.09 -3.85
N LEU B 138 18.34 -28.04 -4.56
CA LEU B 138 19.27 -28.20 -5.68
C LEU B 138 20.55 -28.72 -5.07
N CYS B 139 21.05 -29.83 -5.62
CA CYS B 139 22.25 -30.51 -5.11
C CYS B 139 22.93 -31.38 -6.17
N VAL B 140 24.25 -31.25 -6.28
CA VAL B 140 25.09 -32.10 -7.14
C VAL B 140 26.18 -32.63 -6.21
N HIS B 141 26.38 -33.96 -6.24
CA HIS B 141 27.45 -34.66 -5.49
C HIS B 141 28.75 -33.89 -5.59
N LYS B 142 29.46 -33.76 -4.47
CA LYS B 142 30.75 -33.04 -4.36
CA LYS B 142 30.71 -32.99 -4.42
C LYS B 142 31.78 -33.41 -5.46
N THR B 143 31.79 -34.67 -5.87
CA THR B 143 32.77 -35.13 -6.88
C THR B 143 32.48 -34.65 -8.30
N LEU B 144 31.32 -34.06 -8.51
CA LEU B 144 30.95 -33.61 -9.83
C LEU B 144 30.69 -32.09 -9.96
N ARG B 145 31.32 -31.30 -9.08
CA ARG B 145 31.11 -29.84 -9.02
C ARG B 145 31.78 -29.10 -10.18
N SER B 146 31.22 -27.96 -10.59
CA SER B 146 31.74 -27.18 -11.72
C SER B 146 31.78 -27.90 -13.07
N LYS B 147 30.90 -28.90 -13.27
CA LYS B 147 30.78 -29.60 -14.56
CA LYS B 147 30.77 -29.59 -14.56
C LYS B 147 29.61 -29.05 -15.41
N ARG B 148 28.95 -27.99 -14.94
CA ARG B 148 27.74 -27.39 -15.58
C ARG B 148 26.49 -28.28 -15.53
N LEU B 149 26.40 -29.13 -14.52
CA LEU B 149 25.22 -29.93 -14.30
C LEU B 149 24.05 -29.13 -13.69
N ALA B 150 24.35 -28.05 -12.96
CA ALA B 150 23.28 -27.27 -12.35
C ALA B 150 22.39 -26.54 -13.35
N PRO B 151 22.96 -25.92 -14.42
CA PRO B 151 22.05 -25.37 -15.43
C PRO B 151 21.14 -26.42 -16.09
N VAL B 152 21.62 -27.65 -16.22
CA VAL B 152 20.80 -28.72 -16.79
C VAL B 152 19.65 -29.07 -15.86
N LEU B 153 19.92 -29.12 -14.55
CA LEU B 153 18.85 -29.36 -13.56
C LEU B 153 17.78 -28.26 -13.55
N ILE B 154 18.23 -27.03 -13.63
CA ILE B 154 17.33 -25.89 -13.53
C ILE B 154 16.44 -25.82 -14.77
N LYS B 155 17.03 -26.05 -15.95
CA LYS B 155 16.23 -25.93 -17.19
C LYS B 155 15.24 -27.06 -17.30
N GLU B 156 15.60 -28.23 -16.79
CA GLU B 156 14.71 -29.40 -16.81
C GLU B 156 13.49 -29.21 -15.92
N ILE B 157 13.70 -28.68 -14.70
CA ILE B 157 12.57 -28.39 -13.81
C ILE B 157 11.66 -27.29 -14.36
N THR B 158 12.29 -26.30 -15.02
CA THR B 158 11.58 -25.17 -15.71
C THR B 158 10.62 -25.72 -16.76
N ARG B 159 11.11 -26.67 -17.54
CA ARG B 159 10.33 -27.28 -18.57
C ARG B 159 9.09 -28.02 -18.01
N ARG B 160 9.31 -28.84 -17.00
CA ARG B 160 8.22 -29.52 -16.27
C ARG B 160 7.25 -28.59 -15.55
N ILE B 161 7.76 -27.50 -14.96
CA ILE B 161 6.87 -26.56 -14.26
C ILE B 161 5.99 -25.89 -15.32
N ASN B 162 6.60 -25.51 -16.45
CA ASN B 162 5.90 -24.88 -17.61
C ASN B 162 4.76 -25.70 -18.19
N LEU B 163 4.89 -27.03 -18.12
CA LEU B 163 3.87 -27.96 -18.61
C LEU B 163 2.57 -27.96 -17.77
N GLU B 164 2.67 -27.36 -16.57
CA GLU B 164 1.52 -27.15 -15.70
C GLU B 164 0.97 -25.71 -15.82
N ASN B 165 1.42 -25.00 -16.86
CA ASN B 165 1.10 -23.60 -17.15
C ASN B 165 1.50 -22.60 -16.05
N ILE B 166 2.72 -22.76 -15.53
CA ILE B 166 3.22 -21.91 -14.48
C ILE B 166 4.53 -21.37 -14.98
N TRP B 167 4.69 -20.05 -14.93
CA TRP B 167 5.80 -19.36 -15.62
C TRP B 167 6.67 -18.51 -14.70
N GLN B 168 6.44 -18.63 -13.40
CA GLN B 168 7.26 -17.92 -12.42
C GLN B 168 7.69 -18.87 -11.31
N ALA B 169 8.78 -18.54 -10.61
CA ALA B 169 9.16 -19.29 -9.44
C ALA B 169 9.71 -18.37 -8.34
N ILE B 170 9.74 -18.86 -7.11
CA ILE B 170 10.42 -18.21 -5.99
C ILE B 170 11.46 -19.19 -5.39
N TYR B 171 12.63 -18.65 -5.03
CA TYR B 171 13.74 -19.43 -4.45
C TYR B 171 14.67 -18.52 -3.66
N THR B 172 15.39 -19.11 -2.71
CA THR B 172 16.32 -18.40 -1.81
C THR B 172 17.70 -19.08 -1.87
N ALA B 173 18.77 -18.30 -1.72
CA ALA B 173 20.12 -18.85 -1.76
C ALA B 173 21.06 -17.99 -0.97
N GLY B 174 22.00 -18.64 -0.29
CA GLY B 174 23.14 -17.96 0.34
C GLY B 174 24.02 -17.17 -0.62
N VAL B 175 24.30 -17.73 -1.81
CA VAL B 175 25.16 -17.06 -2.81
C VAL B 175 24.47 -15.88 -3.52
N TYR B 176 25.25 -14.91 -3.99
CA TYR B 176 24.75 -13.80 -4.82
C TYR B 176 24.55 -14.25 -6.25
N LEU B 177 23.43 -13.87 -6.85
CA LEU B 177 23.03 -14.25 -8.19
C LEU B 177 22.22 -13.11 -8.76
N PRO B 178 22.06 -13.06 -10.09
CA PRO B 178 21.13 -12.08 -10.68
C PRO B 178 19.68 -12.56 -10.58
N LYS B 179 18.78 -11.77 -9.97
CA LYS B 179 19.11 -10.64 -9.06
C LYS B 179 18.17 -10.66 -7.85
N PRO B 180 18.66 -10.36 -6.62
CA PRO B 180 17.74 -10.38 -5.46
C PRO B 180 16.59 -9.37 -5.52
N VAL B 181 15.45 -9.75 -4.95
CA VAL B 181 14.36 -8.77 -4.65
C VAL B 181 14.45 -8.25 -3.19
N SER B 182 15.21 -8.96 -2.37
CA SER B 182 15.49 -8.60 -0.98
C SER B 182 16.64 -9.45 -0.51
N ASP B 183 17.28 -8.99 0.55
CA ASP B 183 18.43 -9.65 1.13
C ASP B 183 18.28 -9.57 2.65
N ALA B 184 18.31 -10.72 3.33
CA ALA B 184 18.06 -10.79 4.78
C ALA B 184 19.16 -11.56 5.51
N ARG B 185 19.78 -10.87 6.47
CA ARG B 185 20.77 -11.45 7.35
C ARG B 185 20.12 -12.36 8.35
N TYR B 186 20.83 -13.43 8.73
CA TYR B 186 20.34 -14.33 9.78
C TYR B 186 20.96 -13.99 11.13
N TYR B 187 20.21 -14.25 12.20
CA TYR B 187 20.59 -13.94 13.59
C TYR B 187 20.47 -15.18 14.42
N HIS B 188 21.45 -15.40 15.30
CA HIS B 188 21.50 -16.61 16.11
CA HIS B 188 21.47 -16.61 16.12
C HIS B 188 21.27 -16.25 17.56
N ARG B 189 20.36 -16.97 18.21
CA ARG B 189 20.20 -16.82 19.66
C ARG B 189 20.59 -18.08 20.46
N SER B 190 21.72 -17.99 21.15
CA SER B 190 22.30 -19.11 21.88
C SER B 190 21.40 -19.62 22.97
N ILE B 191 21.20 -20.92 22.96
CA ILE B 191 20.43 -21.55 24.03
C ILE B 191 21.36 -22.42 24.83
N ASN B 192 22.03 -23.35 24.14
CA ASN B 192 23.11 -24.15 24.75
C ASN B 192 24.47 -23.53 24.42
N VAL B 193 24.88 -22.55 25.25
CA VAL B 193 26.05 -21.75 24.89
C VAL B 193 27.37 -22.46 25.10
N LYS B 194 27.49 -23.31 26.12
CA LYS B 194 28.72 -24.08 26.34
C LYS B 194 29.04 -24.97 25.12
N LYS B 195 28.02 -25.61 24.56
CA LYS B 195 28.14 -26.37 23.30
C LYS B 195 28.61 -25.52 22.13
N LEU B 196 28.03 -24.33 21.97
CA LEU B 196 28.41 -23.41 20.89
C LEU B 196 29.82 -22.80 21.02
N ILE B 197 30.32 -22.69 22.25
CA ILE B 197 31.71 -22.25 22.47
C ILE B 197 32.64 -23.38 22.04
N GLU B 198 32.34 -24.60 22.51
CA GLU B 198 33.18 -25.79 22.31
C GLU B 198 33.38 -26.18 20.85
N ILE B 199 32.35 -25.98 20.02
CA ILE B 199 32.41 -26.22 18.56
C ILE B 199 33.04 -25.05 17.75
N GLY B 200 33.42 -23.98 18.47
CA GLY B 200 34.22 -22.86 17.92
C GLY B 200 33.46 -21.78 17.16
N PHE B 201 32.13 -21.88 17.26
CA PHE B 201 31.19 -20.98 16.60
C PHE B 201 31.10 -19.67 17.38
N SER B 202 30.86 -19.78 18.71
CA SER B 202 30.74 -18.62 19.59
C SER B 202 32.04 -18.37 20.38
N SER B 203 32.19 -17.12 20.86
CA SER B 203 33.44 -16.59 21.38
C SER B 203 33.36 -16.18 22.88
N LEU B 204 34.49 -16.31 23.59
CA LEU B 204 34.66 -15.82 24.97
C LEU B 204 35.70 -14.71 25.08
N ASN B 205 35.72 -14.06 26.24
CA ASN B 205 36.51 -12.86 26.49
C ASN B 205 37.01 -12.74 27.91
N SER B 206 37.97 -11.82 28.10
CA SER B 206 38.31 -11.33 29.43
C SER B 206 37.05 -10.76 30.12
N ARG B 207 36.22 -10.07 29.34
CA ARG B 207 34.93 -9.52 29.83
C ARG B 207 33.86 -10.63 29.96
N LEU B 208 33.81 -11.50 28.96
CA LEU B 208 32.80 -12.57 28.91
C LEU B 208 33.42 -14.00 29.17
N THR B 209 33.47 -14.41 30.44
CA THR B 209 34.07 -15.69 30.83
C THR B 209 33.01 -16.74 30.60
N MET B 210 33.41 -18.02 30.54
CA MET B 210 32.48 -19.14 30.36
C MET B 210 31.20 -19.02 31.24
N SER B 211 31.39 -18.85 32.55
CA SER B 211 30.29 -18.68 33.50
C SER B 211 29.47 -17.39 33.26
N ARG B 212 30.12 -16.29 32.88
CA ARG B 212 29.33 -15.10 32.51
C ARG B 212 28.49 -15.31 31.21
N ALA B 213 29.01 -16.13 30.28
CA ALA B 213 28.29 -16.53 29.06
C ALA B 213 27.03 -17.33 29.36
N ILE B 214 27.22 -18.39 30.16
CA ILE B 214 26.13 -19.19 30.67
C ILE B 214 25.04 -18.33 31.39
N LYS B 215 25.48 -17.35 32.20
CA LYS B 215 24.57 -16.47 32.92
C LYS B 215 23.85 -15.53 31.95
N LEU B 216 24.57 -14.98 30.97
CA LEU B 216 23.96 -14.10 29.98
C LEU B 216 22.76 -14.68 29.20
N TYR B 217 22.87 -15.92 28.72
CA TYR B 217 21.84 -16.59 27.90
C TYR B 217 20.80 -17.45 28.65
N ARG B 218 20.84 -17.43 29.99
CA ARG B 218 19.86 -18.12 30.83
C ARG B 218 18.46 -17.60 30.49
N VAL B 219 17.48 -18.48 30.67
CA VAL B 219 16.07 -18.17 30.39
C VAL B 219 15.16 -18.68 31.50
N GLU B 220 14.31 -17.79 32.02
CA GLU B 220 13.25 -18.14 32.94
C GLU B 220 12.24 -19.16 32.30
N ASP B 221 11.81 -20.16 33.08
CA ASP B 221 10.99 -21.26 32.56
C ASP B 221 9.48 -21.02 32.77
N THR B 222 9.08 -19.77 32.59
CA THR B 222 7.69 -19.42 32.58
C THR B 222 7.38 -18.58 31.32
N LEU B 223 6.30 -18.94 30.63
CA LEU B 223 5.81 -18.19 29.46
C LEU B 223 5.17 -16.87 29.82
N ASN B 224 5.35 -15.88 28.94
CA ASN B 224 4.67 -14.57 29.06
C ASN B 224 3.16 -14.63 28.75
N ILE B 225 2.78 -15.62 27.93
CA ILE B 225 1.39 -15.89 27.49
C ILE B 225 1.09 -17.29 28.01
N LYS B 226 0.48 -17.36 29.20
CA LYS B 226 0.37 -18.61 29.99
C LYS B 226 -0.30 -19.81 29.31
N ASN B 227 -1.27 -19.54 28.43
CA ASN B 227 -2.06 -20.57 27.73
C ASN B 227 -1.54 -21.01 26.35
N MET B 228 -0.37 -20.51 25.97
CA MET B 228 0.33 -20.97 24.75
C MET B 228 0.49 -22.52 24.70
N ARG B 229 -0.16 -23.19 23.74
CA ARG B 229 -0.20 -24.66 23.65
C ARG B 229 -0.18 -25.17 22.22
N LEU B 230 0.29 -26.39 22.03
CA LEU B 230 0.42 -27.01 20.72
C LEU B 230 -0.88 -26.95 19.92
N MET B 231 -0.77 -26.45 18.68
CA MET B 231 -1.84 -26.45 17.71
C MET B 231 -2.48 -27.85 17.52
N LYS B 232 -3.81 -27.88 17.37
CA LYS B 232 -4.59 -29.11 17.11
C LYS B 232 -5.45 -28.89 15.87
N LYS B 233 -5.99 -29.96 15.32
CA LYS B 233 -6.84 -29.89 14.11
C LYS B 233 -7.97 -28.83 14.18
N LYS B 234 -8.70 -28.75 15.28
CA LYS B 234 -9.78 -27.73 15.50
C LYS B 234 -9.34 -26.26 15.38
N ASP B 235 -8.04 -25.99 15.56
CA ASP B 235 -7.50 -24.63 15.52
C ASP B 235 -7.22 -24.18 14.06
N VAL B 236 -7.34 -25.09 13.11
CA VAL B 236 -6.90 -24.79 11.71
C VAL B 236 -7.51 -23.46 11.21
N GLU B 237 -8.84 -23.34 11.35
CA GLU B 237 -9.61 -22.17 10.89
C GLU B 237 -9.08 -20.84 11.51
N GLY B 238 -8.84 -20.85 12.83
CA GLY B 238 -8.38 -19.67 13.56
C GLY B 238 -7.00 -19.20 13.13
N VAL B 239 -6.12 -20.17 12.87
CA VAL B 239 -4.77 -19.87 12.33
C VAL B 239 -4.85 -19.36 10.87
N HIS B 240 -5.71 -19.97 10.06
CA HIS B 240 -5.92 -19.50 8.70
C HIS B 240 -6.26 -17.98 8.71
N LYS B 241 -7.15 -17.55 9.61
CA LYS B 241 -7.59 -16.16 9.61
CA LYS B 241 -7.59 -16.15 9.62
C LYS B 241 -6.55 -15.26 10.25
N LEU B 242 -6.01 -15.70 11.39
CA LEU B 242 -5.01 -14.89 12.07
C LEU B 242 -3.78 -14.62 11.21
N LEU B 243 -3.23 -15.67 10.61
CA LEU B 243 -2.03 -15.53 9.81
C LEU B 243 -2.31 -14.82 8.48
N GLY B 244 -3.45 -15.16 7.86
CA GLY B 244 -3.89 -14.58 6.58
C GLY B 244 -4.06 -13.07 6.60
N SER B 245 -4.83 -12.57 7.57
N SER B 245 -4.84 -12.57 7.57
CA SER B 245 -4.99 -11.13 7.82
CA SER B 245 -4.99 -11.12 7.83
C SER B 245 -3.67 -10.39 8.13
C SER B 245 -3.67 -10.39 8.13
N TYR B 246 -2.80 -11.02 8.94
CA TYR B 246 -1.49 -10.44 9.31
C TYR B 246 -0.53 -10.34 8.12
N LEU B 247 -0.46 -11.37 7.30
CA LEU B 247 0.50 -11.40 6.23
C LEU B 247 0.21 -10.37 5.13
N GLU B 248 -0.96 -9.74 5.21
CA GLU B 248 -1.41 -8.87 4.11
C GLU B 248 -0.61 -7.57 3.96
N GLN B 249 -0.03 -7.08 5.07
CA GLN B 249 0.84 -5.87 5.11
C GLN B 249 2.19 -5.97 4.34
N PHE B 250 2.60 -7.17 3.91
CA PHE B 250 3.92 -7.36 3.34
C PHE B 250 3.89 -7.33 1.84
N ASN B 251 5.07 -7.09 1.27
CA ASN B 251 5.26 -6.95 -0.17
CA ASN B 251 5.27 -6.96 -0.16
C ASN B 251 5.46 -8.28 -0.90
N LEU B 252 5.80 -9.32 -0.14
CA LEU B 252 6.06 -10.65 -0.66
C LEU B 252 5.55 -11.65 0.36
N TYR B 253 4.50 -12.39 0.05
CA TYR B 253 4.01 -13.40 1.01
C TYR B 253 3.26 -14.52 0.29
N ALA B 254 3.13 -15.68 0.94
CA ALA B 254 2.31 -16.79 0.43
C ALA B 254 0.86 -16.58 0.87
N VAL B 255 -0.10 -16.84 -0.05
CA VAL B 255 -1.54 -16.80 0.26
C VAL B 255 -1.88 -18.26 0.58
N PHE B 256 -2.07 -18.59 1.87
CA PHE B 256 -2.42 -19.98 2.26
C PHE B 256 -3.89 -20.31 2.22
N THR B 257 -4.22 -21.47 1.64
CA THR B 257 -5.57 -22.07 1.75
C THR B 257 -5.70 -22.77 3.10
N LYS B 258 -6.94 -23.09 3.44
CA LYS B 258 -7.27 -23.95 4.59
C LYS B 258 -6.33 -25.17 4.66
N GLU B 259 -6.39 -25.99 3.60
CA GLU B 259 -5.62 -27.26 3.54
CA GLU B 259 -5.64 -27.24 3.48
C GLU B 259 -4.12 -27.00 3.64
N GLU B 260 -3.62 -25.92 3.01
CA GLU B 260 -2.24 -25.48 3.20
C GLU B 260 -1.89 -25.12 4.65
N ILE B 261 -2.75 -24.37 5.35
CA ILE B 261 -2.55 -24.10 6.79
C ILE B 261 -2.41 -25.44 7.56
N ALA B 262 -3.36 -26.37 7.38
CA ALA B 262 -3.28 -27.71 8.00
C ALA B 262 -1.92 -28.42 7.78
N HIS B 263 -1.48 -28.49 6.51
CA HIS B 263 -0.22 -29.12 6.14
C HIS B 263 1.01 -28.48 6.80
N TRP B 264 1.13 -27.17 6.69
CA TRP B 264 2.37 -26.52 7.09
C TRP B 264 2.46 -26.23 8.57
N PHE B 265 1.31 -26.23 9.27
CA PHE B 265 1.31 -25.86 10.71
C PHE B 265 1.01 -26.91 11.77
N LEU B 266 0.17 -27.91 11.49
CA LEU B 266 -0.13 -28.98 12.44
C LEU B 266 1.14 -29.69 12.85
N PRO B 267 1.32 -29.92 14.17
CA PRO B 267 2.70 -30.19 14.57
C PRO B 267 3.14 -31.58 14.19
N ILE B 268 4.44 -31.73 13.98
CA ILE B 268 5.06 -33.02 13.67
C ILE B 268 6.34 -32.99 14.47
N GLU B 269 6.43 -33.89 15.44
CA GLU B 269 7.60 -34.01 16.30
C GLU B 269 8.85 -34.10 15.43
N ASN B 270 9.86 -33.31 15.79
CA ASN B 270 11.18 -33.20 15.11
C ASN B 270 11.22 -32.56 13.72
N VAL B 271 10.18 -31.79 13.40
CA VAL B 271 9.97 -31.21 12.08
C VAL B 271 9.41 -29.78 12.24
N ILE B 272 8.17 -29.68 12.75
CA ILE B 272 7.46 -28.39 12.86
C ILE B 272 6.66 -28.29 14.15
N TYR B 273 6.77 -27.13 14.79
CA TYR B 273 6.13 -26.83 16.08
C TYR B 273 5.31 -25.55 16.01
N THR B 274 4.01 -25.71 16.24
CA THR B 274 3.10 -24.58 16.25
C THR B 274 2.36 -24.55 17.59
N TYR B 275 2.37 -23.37 18.21
CA TYR B 275 1.72 -23.14 19.47
C TYR B 275 0.71 -22.04 19.25
N VAL B 276 -0.45 -22.20 19.87
CA VAL B 276 -1.51 -21.23 19.76
C VAL B 276 -1.94 -20.80 21.16
N ASN B 277 -2.52 -19.62 21.20
CA ASN B 277 -3.22 -19.12 22.38
C ASN B 277 -4.64 -18.81 21.93
N GLU B 278 -5.60 -19.60 22.40
CA GLU B 278 -7.00 -19.40 22.12
C GLU B 278 -7.57 -18.70 23.35
N GLU B 279 -8.06 -17.48 23.13
CA GLU B 279 -8.85 -16.75 24.11
C GLU B 279 -10.25 -16.55 23.56
N ASN B 280 -11.25 -16.73 24.42
CA ASN B 280 -12.65 -16.44 24.11
C ASN B 280 -13.22 -17.21 22.91
N GLY B 281 -12.51 -18.23 22.43
CA GLY B 281 -12.94 -18.98 21.26
C GLY B 281 -12.32 -18.65 19.89
N LYS B 282 -11.53 -17.58 19.83
CA LYS B 282 -10.84 -17.17 18.62
C LYS B 282 -9.38 -17.43 18.90
N ILE B 283 -8.60 -17.77 17.89
CA ILE B 283 -7.17 -17.86 18.04
C ILE B 283 -6.53 -16.48 17.89
N LYS B 284 -5.96 -16.00 19.00
CA LYS B 284 -5.39 -14.64 19.09
C LYS B 284 -3.86 -14.50 19.04
N ASP B 285 -3.09 -15.58 19.23
CA ASP B 285 -1.61 -15.52 19.10
C ASP B 285 -1.09 -16.79 18.49
N MET B 286 0.04 -16.70 17.79
CA MET B 286 0.73 -17.90 17.31
C MET B 286 2.25 -17.80 17.36
N ILE B 287 2.87 -18.95 17.58
CA ILE B 287 4.31 -19.15 17.48
C ILE B 287 4.63 -20.38 16.63
N SER B 288 5.52 -20.23 15.64
CA SER B 288 6.01 -21.40 14.88
C SER B 288 7.49 -21.39 14.54
N PHE B 289 8.10 -22.56 14.67
CA PHE B 289 9.45 -22.80 14.25
C PHE B 289 9.62 -24.21 13.71
N TYR B 290 10.50 -24.36 12.71
CA TYR B 290 10.83 -25.67 12.17
C TYR B 290 12.21 -26.19 12.63
N SER B 291 12.38 -27.52 12.56
CA SER B 291 13.60 -28.17 13.01
C SER B 291 14.51 -28.57 11.82
N LEU B 292 15.71 -27.99 11.82
CA LEU B 292 16.73 -28.22 10.81
C LEU B 292 18.09 -28.52 11.47
N PRO B 293 18.40 -29.81 11.72
CA PRO B 293 19.73 -30.14 12.22
C PRO B 293 20.88 -29.76 11.29
N SER B 294 22.01 -29.44 11.89
CA SER B 294 23.27 -29.39 11.17
C SER B 294 24.30 -30.38 11.68
N GLN B 295 25.01 -31.02 10.75
CA GLN B 295 26.13 -31.86 11.06
C GLN B 295 27.34 -30.94 11.37
N ILE B 296 27.99 -31.23 12.50
CA ILE B 296 29.18 -30.49 12.94
C ILE B 296 30.45 -31.24 12.46
N LEU B 297 31.05 -30.72 11.38
CA LEU B 297 32.10 -31.40 10.58
C LEU B 297 33.42 -31.61 11.30
N GLY B 298 33.84 -32.89 11.41
CA GLY B 298 35.02 -33.27 12.19
C GLY B 298 35.04 -32.72 13.62
N ASN B 299 34.13 -33.24 14.45
CA ASN B 299 34.13 -32.94 15.88
C ASN B 299 33.99 -34.23 16.66
N ASP B 300 35.02 -34.52 17.45
CA ASP B 300 35.05 -35.69 18.37
C ASP B 300 33.84 -35.68 19.31
N LYS B 301 33.60 -34.54 19.98
CA LYS B 301 32.59 -34.48 21.04
C LYS B 301 31.11 -34.50 20.57
N TYR B 302 30.73 -33.52 19.74
CA TYR B 302 29.35 -33.44 19.23
C TYR B 302 29.33 -33.53 17.71
N SER B 303 28.54 -34.47 17.17
CA SER B 303 28.35 -34.61 15.72
C SER B 303 27.13 -33.86 15.12
N THR B 304 26.32 -33.20 15.96
CA THR B 304 25.03 -32.59 15.52
C THR B 304 24.64 -31.37 16.41
N LEU B 305 24.36 -30.25 15.76
CA LEU B 305 23.75 -29.10 16.41
C LEU B 305 22.25 -29.16 16.15
N ASN B 306 21.43 -29.07 17.20
CA ASN B 306 20.00 -29.07 16.97
C ASN B 306 19.53 -27.65 16.86
N ALA B 307 18.87 -27.32 15.76
CA ALA B 307 18.53 -25.94 15.53
C ALA B 307 17.08 -25.74 15.16
N ALA B 308 16.48 -24.75 15.82
CA ALA B 308 15.13 -24.31 15.55
C ALA B 308 15.16 -23.01 14.74
N TYR B 309 14.40 -22.99 13.64
CA TYR B 309 14.28 -21.84 12.75
C TYR B 309 12.89 -21.18 12.85
N SER B 310 12.87 -19.92 13.28
CA SER B 310 11.67 -19.09 13.28
C SER B 310 10.93 -19.17 11.92
N PHE B 311 9.63 -19.43 11.97
CA PHE B 311 8.79 -19.65 10.79
C PHE B 311 7.83 -18.44 10.73
N TYR B 312 6.59 -18.61 11.17
CA TYR B 312 5.66 -17.49 11.27
C TYR B 312 5.23 -17.26 12.73
N ASN B 313 5.25 -16.00 13.16
CA ASN B 313 4.81 -15.62 14.53
C ASN B 313 3.94 -14.37 14.48
N VAL B 314 2.88 -14.36 15.30
CA VAL B 314 1.89 -13.26 15.32
C VAL B 314 1.35 -13.08 16.74
N THR B 315 1.42 -11.86 17.27
CA THR B 315 0.77 -11.54 18.54
C THR B 315 -0.28 -10.41 18.47
N THR B 316 -1.35 -10.55 19.25
CA THR B 316 -2.34 -9.46 19.42
C THR B 316 -2.73 -9.19 20.86
N THR B 317 -2.31 -10.06 21.80
CA THR B 317 -2.54 -9.87 23.26
C THR B 317 -1.25 -9.65 24.02
N ALA B 318 -0.14 -9.50 23.30
CA ALA B 318 1.17 -9.24 23.92
C ALA B 318 2.02 -8.37 23.01
N THR B 319 3.22 -8.01 23.46
CA THR B 319 4.12 -7.31 22.54
C THR B 319 4.84 -8.36 21.73
N PHE B 320 5.43 -7.95 20.62
CA PHE B 320 6.15 -8.87 19.78
C PHE B 320 7.38 -9.45 20.52
N LYS B 321 7.98 -8.62 21.38
CA LYS B 321 9.12 -8.98 22.20
CA LYS B 321 9.13 -8.99 22.21
C LYS B 321 8.76 -10.08 23.22
N GLN B 322 7.60 -9.93 23.88
CA GLN B 322 7.09 -10.98 24.79
C GLN B 322 6.85 -12.31 24.02
N LEU B 323 6.27 -12.17 22.81
CA LEU B 323 5.95 -13.29 21.98
C LEU B 323 7.19 -14.09 21.57
N MET B 324 8.21 -13.37 21.08
CA MET B 324 9.43 -13.99 20.66
C MET B 324 10.21 -14.62 21.80
N GLN B 325 10.15 -14.01 22.99
CA GLN B 325 10.69 -14.60 24.20
C GLN B 325 10.13 -15.97 24.49
N ASP B 326 8.81 -16.10 24.36
CA ASP B 326 8.13 -17.38 24.53
C ASP B 326 8.55 -18.38 23.46
N ALA B 327 8.86 -17.88 22.26
CA ALA B 327 9.36 -18.74 21.16
C ALA B 327 10.68 -19.40 21.58
N ILE B 328 11.56 -18.61 22.20
CA ILE B 328 12.90 -19.03 22.60
C ILE B 328 12.78 -20.14 23.65
N LEU B 329 11.92 -19.88 24.64
CA LEU B 329 11.71 -20.79 25.73
C LEU B 329 11.06 -22.07 25.18
N LEU B 330 10.03 -21.94 24.37
CA LEU B 330 9.42 -23.11 23.78
C LEU B 330 10.48 -23.94 23.01
N ALA B 331 11.39 -23.27 22.31
CA ALA B 331 12.45 -23.97 21.59
C ALA B 331 13.40 -24.67 22.58
N LYS B 332 13.67 -24.02 23.69
CA LYS B 332 14.51 -24.58 24.74
C LYS B 332 13.89 -25.86 25.38
N ARG B 333 12.61 -25.82 25.74
CA ARG B 333 11.89 -26.97 26.30
CA ARG B 333 11.87 -26.98 26.28
C ARG B 333 11.89 -28.18 25.34
N ASN B 334 12.11 -27.91 24.04
CA ASN B 334 12.20 -28.96 23.01
C ASN B 334 13.63 -29.41 22.64
N ASN B 335 14.61 -29.10 23.52
CA ASN B 335 16.03 -29.55 23.48
CA ASN B 335 16.01 -29.60 23.44
C ASN B 335 16.84 -29.03 22.26
N PHE B 336 16.46 -27.83 21.78
CA PHE B 336 17.22 -27.08 20.75
C PHE B 336 18.40 -26.32 21.35
N ASP B 337 19.55 -26.35 20.64
CA ASP B 337 20.79 -25.67 21.04
C ASP B 337 20.79 -24.17 20.72
N VAL B 338 20.10 -23.80 19.66
CA VAL B 338 20.09 -22.40 19.19
C VAL B 338 18.73 -22.11 18.53
N PHE B 339 18.41 -20.81 18.46
CA PHE B 339 17.17 -20.34 17.84
C PHE B 339 17.57 -19.34 16.80
N ASN B 340 17.35 -19.70 15.54
CA ASN B 340 17.76 -18.85 14.40
C ASN B 340 16.61 -18.13 13.74
N ALA B 341 16.88 -16.94 13.19
CA ALA B 341 15.83 -16.13 12.57
C ALA B 341 16.39 -15.16 11.53
N LEU B 342 15.60 -14.90 10.50
CA LEU B 342 15.93 -13.89 9.53
C LEU B 342 15.38 -12.48 9.95
N GLU B 343 16.00 -11.42 9.45
CA GLU B 343 15.56 -10.04 9.70
C GLU B 343 14.34 -9.69 8.80
N VAL B 344 13.42 -10.66 8.64
CA VAL B 344 12.17 -10.46 7.91
C VAL B 344 11.03 -10.08 8.85
N MET B 345 9.92 -9.66 8.30
CA MET B 345 8.73 -9.32 9.07
C MET B 345 9.06 -8.32 10.20
N GLN B 346 8.71 -8.64 11.43
CA GLN B 346 8.94 -7.78 12.63
C GLN B 346 10.17 -8.17 13.48
N ASN B 347 10.94 -9.15 12.99
CA ASN B 347 11.96 -9.84 13.76
C ASN B 347 13.14 -8.94 14.15
N LYS B 348 13.50 -8.00 13.27
CA LYS B 348 14.66 -7.16 13.56
C LYS B 348 14.54 -6.37 14.86
N SER B 349 13.37 -5.79 15.12
CA SER B 349 13.18 -4.98 16.34
C SER B 349 13.46 -5.71 17.67
N VAL B 350 13.28 -7.02 17.72
CA VAL B 350 13.52 -7.78 18.96
C VAL B 350 14.95 -8.30 19.15
N PHE B 351 15.82 -8.16 18.16
CA PHE B 351 17.11 -8.84 18.22
C PHE B 351 18.08 -8.35 19.29
N GLU B 352 18.07 -7.05 19.56
CA GLU B 352 18.98 -6.46 20.49
C GLU B 352 18.64 -6.93 21.92
N ASP B 353 17.39 -6.70 22.32
CA ASP B 353 16.90 -7.00 23.65
C ASP B 353 16.79 -8.47 24.00
N LEU B 354 16.60 -9.33 23.01
CA LEU B 354 16.52 -10.77 23.26
C LEU B 354 17.85 -11.53 23.18
N LYS B 355 18.94 -10.80 22.94
CA LYS B 355 20.33 -11.27 23.07
C LYS B 355 20.74 -12.08 21.84
N PHE B 356 20.07 -11.85 20.71
CA PHE B 356 20.48 -12.42 19.41
C PHE B 356 21.84 -11.85 19.00
N GLY B 357 22.64 -12.66 18.31
CA GLY B 357 23.84 -12.17 17.62
C GLY B 357 23.73 -12.27 16.11
N GLU B 358 24.25 -11.26 15.41
CA GLU B 358 24.26 -11.21 13.95
C GLU B 358 25.19 -12.27 13.37
N GLY B 359 24.70 -12.99 12.36
CA GLY B 359 25.43 -14.13 11.80
C GLY B 359 26.43 -13.79 10.72
N ASP B 360 27.00 -14.83 10.14
CA ASP B 360 28.05 -14.78 9.08
C ASP B 360 27.70 -14.02 7.80
N GLY B 361 26.59 -14.38 7.16
CA GLY B 361 26.21 -13.89 5.83
C GLY B 361 24.71 -13.67 5.69
N SER B 362 24.23 -13.68 4.47
CA SER B 362 22.82 -13.39 4.24
C SER B 362 22.12 -14.37 3.30
N LEU B 363 20.79 -14.33 3.34
CA LEU B 363 19.94 -15.15 2.50
C LEU B 363 19.28 -14.22 1.55
N LYS B 364 19.50 -14.46 0.25
CA LYS B 364 18.93 -13.63 -0.80
C LYS B 364 17.62 -14.26 -1.30
N TYR B 365 16.61 -13.42 -1.58
CA TYR B 365 15.31 -13.86 -2.11
C TYR B 365 15.15 -13.52 -3.62
N TYR B 366 14.65 -14.47 -4.41
CA TYR B 366 14.59 -14.38 -5.89
C TYR B 366 13.26 -14.78 -6.51
N LEU B 367 12.94 -14.15 -7.64
CA LEU B 367 11.84 -14.57 -8.48
C LEU B 367 12.36 -14.93 -9.87
N TYR B 368 11.67 -15.84 -10.52
CA TYR B 368 12.02 -16.20 -11.86
C TYR B 368 10.92 -15.69 -12.79
N ASN B 369 11.34 -15.03 -13.88
CA ASN B 369 10.41 -14.41 -14.85
C ASN B 369 9.46 -13.40 -14.16
N TRP B 370 10.04 -12.60 -13.27
CA TRP B 370 9.34 -11.47 -12.67
C TRP B 370 10.30 -10.33 -12.51
N LYS B 371 9.74 -9.13 -12.68
CA LYS B 371 10.45 -7.86 -12.77
C LYS B 371 9.63 -6.92 -11.86
N CYS B 372 10.30 -6.29 -10.88
CA CYS B 372 9.66 -5.41 -9.83
C CYS B 372 10.71 -4.69 -9.02
N ALA B 373 10.26 -3.71 -8.24
CA ALA B 373 11.10 -3.00 -7.28
C ALA B 373 11.74 -3.98 -6.28
N SER B 374 13.04 -3.84 -6.02
CA SER B 374 13.65 -4.50 -4.86
C SER B 374 13.31 -3.70 -3.56
N PHE B 375 13.47 -4.32 -2.40
CA PHE B 375 12.95 -3.77 -1.12
C PHE B 375 13.62 -4.38 0.10
N ALA B 376 13.47 -3.72 1.26
CA ALA B 376 14.13 -4.15 2.53
C ALA B 376 13.48 -5.41 3.07
N PRO B 377 14.23 -6.18 3.89
CA PRO B 377 13.66 -7.43 4.40
C PRO B 377 12.43 -7.31 5.27
N ALA B 378 12.23 -6.17 5.95
CA ALA B 378 11.04 -5.97 6.79
C ALA B 378 9.75 -6.08 5.99
N HIS B 379 9.85 -5.83 4.68
CA HIS B 379 8.69 -6.02 3.78
C HIS B 379 8.56 -7.47 3.27
N VAL B 380 9.52 -8.35 3.62
CA VAL B 380 9.45 -9.77 3.27
C VAL B 380 8.49 -10.50 4.20
N GLY B 381 7.46 -11.09 3.63
CA GLY B 381 6.49 -11.77 4.45
C GLY B 381 6.51 -13.27 4.36
N ILE B 382 7.61 -13.87 3.88
CA ILE B 382 7.68 -15.30 3.61
C ILE B 382 8.95 -15.92 4.19
N VAL B 383 8.86 -17.14 4.71
CA VAL B 383 10.04 -17.90 5.13
C VAL B 383 10.10 -19.20 4.36
N LEU B 384 11.18 -19.39 3.62
CA LEU B 384 11.38 -20.63 2.83
C LEU B 384 12.24 -21.67 3.56
N LEU B 385 11.96 -22.94 3.31
CA LEU B 385 12.53 -24.03 4.14
C LEU B 385 14.05 -24.28 3.98
N ASP C 2 -31.04 21.23 2.11
CA ASP C 2 -29.82 20.77 2.89
C ASP C 2 -29.68 19.24 2.92
N TYR C 3 -30.47 18.59 2.04
CA TYR C 3 -30.44 17.13 1.78
CA TYR C 3 -30.45 17.13 1.78
C TYR C 3 -30.67 16.28 3.05
N LYS C 4 -31.83 16.46 3.69
CA LYS C 4 -32.07 15.82 5.01
C LYS C 4 -32.33 14.29 5.03
N PHE C 5 -32.92 13.75 3.95
CA PHE C 5 -32.93 12.30 3.77
C PHE C 5 -31.53 11.72 3.40
N TRP C 6 -30.92 12.20 2.33
CA TRP C 6 -29.60 11.69 1.93
C TRP C 6 -28.51 11.71 3.04
N TYR C 7 -28.66 12.63 4.00
CA TYR C 7 -27.76 12.82 5.14
C TYR C 7 -27.79 11.62 6.12
N THR C 8 -28.94 10.97 6.27
CA THR C 8 -29.04 9.66 6.97
C THR C 8 -28.44 8.47 6.17
N GLN C 9 -28.09 8.66 4.92
CA GLN C 9 -27.70 7.54 4.05
C GLN C 9 -26.18 7.39 3.91
N PRO C 10 -25.67 6.14 3.76
CA PRO C 10 -24.23 5.98 3.65
C PRO C 10 -23.72 6.43 2.24
N VAL C 11 -23.63 7.76 2.09
CA VAL C 11 -23.13 8.47 0.90
C VAL C 11 -22.17 9.58 1.40
N PRO C 12 -21.46 10.30 0.51
CA PRO C 12 -20.70 11.39 1.11
C PRO C 12 -21.56 12.60 1.43
N LYS C 13 -21.10 13.40 2.39
CA LYS C 13 -21.63 14.74 2.64
C LYS C 13 -21.29 15.57 1.40
N ILE C 14 -22.04 16.66 1.19
CA ILE C 14 -21.83 17.51 0.00
C ILE C 14 -20.41 18.13 -0.14
N ASN C 15 -19.70 18.27 0.99
CA ASN C 15 -18.33 18.83 1.02
C ASN C 15 -17.14 17.83 0.93
N ASP C 16 -17.41 16.52 0.90
CA ASP C 16 -16.33 15.49 0.92
C ASP C 16 -15.41 15.36 -0.32
N GLU C 17 -14.12 15.13 -0.07
CA GLU C 17 -13.14 14.74 -1.09
C GLU C 17 -12.25 13.68 -0.45
N PHE C 18 -11.73 12.77 -1.27
CA PHE C 18 -10.93 11.63 -0.79
C PHE C 18 -9.72 11.41 -1.70
N ASN C 19 -8.58 11.07 -1.12
CA ASN C 19 -7.42 10.88 -1.97
C ASN C 19 -7.40 9.54 -2.70
N GLU C 20 -6.56 9.48 -3.74
CA GLU C 20 -6.62 8.48 -4.80
C GLU C 20 -6.58 7.00 -4.42
N SER C 21 -6.21 6.74 -3.16
CA SER C 21 -6.03 5.36 -2.67
C SER C 21 -7.25 4.84 -1.90
N VAL C 22 -8.12 5.76 -1.47
CA VAL C 22 -9.33 5.42 -0.74
C VAL C 22 -10.39 4.79 -1.66
N ASN C 23 -10.75 3.54 -1.36
CA ASN C 23 -11.70 2.75 -2.15
C ASN C 23 -12.33 1.64 -1.30
N GLU C 24 -13.31 2.00 -0.47
CA GLU C 24 -13.98 1.09 0.45
C GLU C 24 -15.46 1.49 0.68
N PRO C 25 -16.28 0.62 1.34
CA PRO C 25 -17.63 1.04 1.79
C PRO C 25 -17.63 2.11 2.93
N PHE C 26 -18.73 2.84 3.10
CA PHE C 26 -18.92 3.64 4.31
C PHE C 26 -19.25 2.74 5.48
N ILE C 27 -20.15 1.78 5.25
CA ILE C 27 -20.44 0.75 6.23
CA ILE C 27 -20.44 0.74 6.24
C ILE C 27 -20.16 -0.66 5.68
N SER C 28 -19.24 -1.38 6.35
CA SER C 28 -18.96 -2.77 6.05
C SER C 28 -19.43 -3.69 7.19
N ASP C 29 -19.26 -5.00 7.01
CA ASP C 29 -19.64 -6.04 7.99
C ASP C 29 -21.16 -6.01 8.29
N ASN C 30 -21.92 -5.89 7.22
CA ASN C 30 -23.36 -5.96 7.19
C ASN C 30 -23.83 -7.41 7.19
N LYS C 31 -25.07 -7.62 7.65
CA LYS C 31 -25.63 -8.97 7.87
C LYS C 31 -27.06 -9.10 7.41
N VAL C 32 -27.29 -10.01 6.46
CA VAL C 32 -28.64 -10.36 5.99
C VAL C 32 -29.64 -10.66 7.14
N GLU C 33 -29.18 -11.38 8.17
CA GLU C 33 -30.00 -11.74 9.36
CA GLU C 33 -29.99 -11.73 9.35
C GLU C 33 -30.51 -10.49 10.10
N ASP C 34 -29.79 -9.37 9.98
CA ASP C 34 -30.13 -8.11 10.63
C ASP C 34 -31.12 -7.22 9.89
N VAL C 35 -31.23 -7.41 8.56
CA VAL C 35 -32.11 -6.61 7.67
C VAL C 35 -33.59 -6.63 8.09
N ARG C 36 -34.25 -5.48 8.04
CA ARG C 36 -35.72 -5.40 8.27
C ARG C 36 -36.50 -6.31 7.32
N LYS C 37 -37.37 -7.14 7.89
CA LYS C 37 -38.16 -8.12 7.14
C LYS C 37 -39.57 -7.65 6.76
N ASP C 38 -39.99 -6.52 7.33
CA ASP C 38 -41.33 -5.94 7.11
C ASP C 38 -41.22 -4.82 6.08
N GLU C 39 -42.22 -4.72 5.21
CA GLU C 39 -42.22 -3.67 4.19
C GLU C 39 -42.40 -2.30 4.86
N TYR C 40 -41.73 -1.28 4.33
CA TYR C 40 -41.90 0.12 4.79
C TYR C 40 -43.32 0.62 4.66
N LYS C 41 -43.69 1.50 5.61
CA LYS C 41 -45.08 1.94 5.72
C LYS C 41 -45.42 3.05 4.70
N LEU C 42 -46.55 2.88 4.01
CA LEU C 42 -47.09 3.88 3.07
C LEU C 42 -48.29 4.67 3.70
N PRO C 43 -48.64 5.86 3.13
CA PRO C 43 -49.85 6.60 3.54
C PRO C 43 -51.18 5.85 3.38
N PRO C 44 -52.22 6.22 4.16
CA PRO C 44 -53.54 5.57 4.02
C PRO C 44 -54.05 5.57 2.59
N GLY C 45 -54.34 4.36 2.09
CA GLY C 45 -54.88 4.16 0.75
C GLY C 45 -53.83 3.71 -0.26
N TYR C 46 -52.59 3.55 0.18
CA TYR C 46 -51.50 3.16 -0.74
C TYR C 46 -50.88 1.78 -0.42
N SER C 47 -50.69 0.99 -1.47
CA SER C 47 -50.23 -0.40 -1.37
C SER C 47 -48.99 -0.72 -2.20
N TRP C 48 -48.08 -1.52 -1.64
CA TRP C 48 -46.99 -2.09 -2.42
C TRP C 48 -47.63 -3.06 -3.45
N TYR C 49 -47.10 -3.06 -4.67
CA TYR C 49 -47.57 -3.98 -5.69
C TYR C 49 -46.37 -4.72 -6.25
N VAL C 50 -46.46 -6.04 -6.40
CA VAL C 50 -45.39 -6.82 -7.07
C VAL C 50 -45.69 -6.66 -8.57
N CYS C 51 -44.81 -5.97 -9.31
CA CYS C 51 -45.03 -5.81 -10.75
C CYS C 51 -44.40 -6.94 -11.51
N ASP C 52 -45.20 -7.60 -12.37
CA ASP C 52 -44.69 -8.69 -13.23
C ASP C 52 -44.40 -8.21 -14.65
N VAL C 53 -43.13 -7.93 -14.90
CA VAL C 53 -42.72 -7.24 -16.14
C VAL C 53 -42.97 -8.07 -17.43
N LYS C 54 -42.93 -9.40 -17.27
CA LYS C 54 -43.25 -10.35 -18.34
C LYS C 54 -44.74 -10.46 -18.71
N ASP C 55 -45.63 -10.08 -17.78
CA ASP C 55 -47.08 -9.98 -17.99
C ASP C 55 -47.32 -8.69 -18.74
N GLU C 56 -47.92 -8.83 -19.93
CA GLU C 56 -48.21 -7.70 -20.84
CA GLU C 56 -48.21 -7.70 -20.84
C GLU C 56 -49.03 -6.59 -20.16
N LYS C 57 -50.04 -6.99 -19.36
CA LYS C 57 -50.90 -6.05 -18.59
C LYS C 57 -50.16 -5.23 -17.50
N ASP C 58 -49.36 -5.88 -16.67
CA ASP C 58 -48.56 -5.19 -15.69
C ASP C 58 -47.58 -4.22 -16.36
N ARG C 59 -47.01 -4.66 -17.48
CA ARG C 59 -46.01 -3.92 -18.26
C ARG C 59 -46.61 -2.65 -18.84
N SER C 60 -47.78 -2.78 -19.44
CA SER C 60 -48.50 -1.63 -19.98
CA SER C 60 -48.58 -1.65 -19.96
C SER C 60 -48.88 -0.58 -18.90
N GLU C 61 -49.00 -1.00 -17.63
CA GLU C 61 -49.33 -0.07 -16.55
C GLU C 61 -48.09 0.71 -16.10
N ILE C 62 -46.94 0.04 -16.07
CA ILE C 62 -45.66 0.72 -15.88
C ILE C 62 -45.41 1.67 -17.06
N TYR C 63 -45.56 1.18 -18.28
CA TYR C 63 -45.50 2.07 -19.45
C TYR C 63 -46.31 3.40 -19.27
N THR C 64 -47.62 3.30 -18.96
CA THR C 64 -48.51 4.47 -18.93
C THR C 64 -48.03 5.49 -17.86
N LEU C 65 -47.56 4.96 -16.73
CA LEU C 65 -47.07 5.78 -15.63
C LEU C 65 -45.83 6.61 -16.01
N LEU C 66 -44.82 5.96 -16.62
CA LEU C 66 -43.63 6.67 -17.12
C LEU C 66 -43.94 7.64 -18.26
N THR C 67 -44.77 7.23 -19.23
CA THR C 67 -45.14 8.07 -20.39
C THR C 67 -45.75 9.37 -19.90
N ASP C 68 -46.63 9.26 -18.90
CA ASP C 68 -47.25 10.46 -18.32
C ASP C 68 -46.42 11.26 -17.26
N ASN C 69 -45.42 10.65 -16.63
CA ASN C 69 -44.88 11.20 -15.37
C ASN C 69 -43.38 11.17 -15.16
N TYR C 70 -42.62 10.58 -16.10
CA TYR C 70 -41.17 10.46 -15.97
C TYR C 70 -40.44 11.80 -16.22
N VAL C 71 -39.09 11.78 -16.18
CA VAL C 71 -38.23 13.00 -16.29
C VAL C 71 -38.51 13.93 -17.50
N GLU C 72 -38.57 15.24 -17.24
CA GLU C 72 -38.58 16.28 -18.29
C GLU C 72 -37.34 17.19 -18.17
N ASP C 73 -36.83 17.71 -19.29
CA ASP C 73 -35.76 18.70 -19.26
C ASP C 73 -36.21 20.00 -18.56
N ASP C 74 -35.25 20.86 -18.24
CA ASP C 74 -35.50 22.06 -17.43
C ASP C 74 -36.46 23.09 -18.04
N ASP C 75 -36.56 23.11 -19.38
CA ASP C 75 -37.49 24.01 -20.09
C ASP C 75 -38.75 23.30 -20.63
N ASN C 76 -39.00 22.11 -20.05
CA ASN C 76 -40.23 21.32 -20.22
C ASN C 76 -40.68 21.09 -21.68
N ILE C 77 -39.72 20.94 -22.58
CA ILE C 77 -40.02 20.66 -24.01
C ILE C 77 -40.12 19.16 -24.34
N PHE C 78 -39.46 18.32 -23.55
CA PHE C 78 -39.46 16.84 -23.74
C PHE C 78 -39.78 16.07 -22.48
N ARG C 79 -40.40 14.90 -22.64
CA ARG C 79 -40.46 13.85 -21.59
C ARG C 79 -39.97 12.53 -22.20
N PHE C 80 -39.15 11.76 -21.48
CA PHE C 80 -38.75 10.44 -21.97
C PHE C 80 -39.98 9.52 -22.13
N ASN C 81 -39.92 8.70 -23.17
CA ASN C 81 -41.00 7.82 -23.56
C ASN C 81 -40.40 6.44 -23.81
N TYR C 82 -39.84 5.82 -22.76
CA TYR C 82 -39.38 4.44 -22.85
C TYR C 82 -40.58 3.57 -23.31
N SER C 83 -40.37 2.76 -24.34
CA SER C 83 -41.41 1.93 -24.87
C SER C 83 -41.61 0.71 -24.00
N ALA C 84 -42.77 0.10 -24.17
CA ALA C 84 -43.14 -1.14 -23.53
C ALA C 84 -42.06 -2.20 -23.68
N GLU C 85 -41.55 -2.33 -24.91
CA GLU C 85 -40.65 -3.40 -25.30
C GLU C 85 -39.27 -3.08 -24.75
N PHE C 86 -38.96 -1.78 -24.62
CA PHE C 86 -37.73 -1.32 -24.02
C PHE C 86 -37.64 -1.73 -22.53
N LEU C 87 -38.75 -1.49 -21.83
CA LEU C 87 -38.89 -1.77 -20.41
C LEU C 87 -38.74 -3.26 -20.12
N LEU C 88 -39.25 -4.10 -21.02
CA LEU C 88 -39.04 -5.55 -20.93
C LEU C 88 -37.55 -5.86 -20.98
N TRP C 89 -36.86 -5.40 -22.01
CA TRP C 89 -35.42 -5.67 -22.22
C TRP C 89 -34.60 -5.16 -21.04
N ALA C 90 -34.95 -3.97 -20.57
CA ALA C 90 -34.21 -3.32 -19.51
C ALA C 90 -34.38 -3.98 -18.13
N LEU C 91 -35.46 -4.70 -17.89
CA LEU C 91 -35.66 -5.22 -16.52
C LEU C 91 -35.48 -6.74 -16.35
N THR C 92 -35.29 -7.42 -17.48
CA THR C 92 -35.24 -8.87 -17.50
C THR C 92 -33.88 -9.35 -17.97
N SER C 93 -32.83 -8.65 -17.52
CA SER C 93 -31.46 -9.10 -17.73
C SER C 93 -31.16 -10.40 -16.96
N PRO C 94 -30.02 -11.06 -17.29
CA PRO C 94 -29.75 -12.34 -16.65
C PRO C 94 -29.74 -12.23 -15.13
N ASN C 95 -30.36 -13.22 -14.47
CA ASN C 95 -30.42 -13.32 -13.00
C ASN C 95 -31.18 -12.18 -12.29
N TYR C 96 -32.03 -11.45 -13.03
CA TYR C 96 -32.87 -10.44 -12.38
C TYR C 96 -33.82 -11.05 -11.32
N LEU C 97 -34.28 -10.23 -10.41
CA LEU C 97 -35.12 -10.63 -9.33
C LEU C 97 -36.45 -9.90 -9.44
N LYS C 98 -37.55 -10.67 -9.42
CA LYS C 98 -38.91 -10.12 -9.52
C LYS C 98 -39.30 -9.21 -8.33
N THR C 99 -38.76 -9.48 -7.14
CA THR C 99 -38.87 -8.64 -5.96
C THR C 99 -38.27 -7.24 -6.17
N TRP C 100 -37.42 -7.06 -7.20
CA TRP C 100 -36.80 -5.73 -7.41
C TRP C 100 -37.54 -4.86 -8.42
N HIS C 101 -38.75 -5.23 -8.76
CA HIS C 101 -39.55 -4.42 -9.64
C HIS C 101 -40.77 -4.00 -8.82
N ILE C 102 -40.70 -2.79 -8.28
CA ILE C 102 -41.64 -2.36 -7.18
C ILE C 102 -42.62 -1.28 -7.60
N GLY C 103 -43.92 -1.61 -7.67
CA GLY C 103 -44.99 -0.63 -7.85
C GLY C 103 -45.63 -0.17 -6.54
N VAL C 104 -46.34 0.96 -6.60
CA VAL C 104 -47.22 1.40 -5.55
C VAL C 104 -48.56 1.74 -6.21
N LYS C 105 -49.65 1.25 -5.62
CA LYS C 105 -51.00 1.47 -6.15
C LYS C 105 -51.83 2.35 -5.20
N TYR C 106 -52.69 3.18 -5.79
CA TYR C 106 -53.78 3.86 -5.09
C TYR C 106 -54.98 2.92 -5.06
N ASP C 107 -55.33 2.42 -3.88
CA ASP C 107 -56.41 1.44 -3.68
C ASP C 107 -57.74 1.83 -4.29
N ALA C 108 -58.08 3.11 -4.19
CA ALA C 108 -59.35 3.63 -4.70
C ALA C 108 -59.49 3.49 -6.23
N SER C 109 -58.36 3.55 -6.94
CA SER C 109 -58.34 3.60 -8.43
C SER C 109 -57.74 2.35 -9.09
N ASN C 110 -57.00 1.58 -8.30
CA ASN C 110 -56.25 0.43 -8.78
C ASN C 110 -55.17 0.80 -9.85
N LYS C 111 -54.74 2.05 -9.82
CA LYS C 111 -53.75 2.59 -10.75
C LYS C 111 -52.35 2.62 -10.10
N LEU C 112 -51.32 2.39 -10.89
CA LEU C 112 -49.95 2.60 -10.44
C LEU C 112 -49.73 4.11 -10.21
N ILE C 113 -49.15 4.50 -9.07
CA ILE C 113 -48.80 5.93 -8.79
C ILE C 113 -47.32 6.13 -8.49
N GLY C 114 -46.64 5.00 -8.32
CA GLY C 114 -45.17 4.97 -8.08
C GLY C 114 -44.45 3.75 -8.65
N PHE C 115 -43.14 3.90 -8.83
CA PHE C 115 -42.29 2.86 -9.37
C PHE C 115 -40.83 3.12 -9.10
N ILE C 116 -40.10 2.03 -8.80
CA ILE C 116 -38.63 2.00 -8.71
C ILE C 116 -38.16 0.59 -9.10
N SER C 117 -36.94 0.43 -9.63
CA SER C 117 -36.48 -0.90 -10.07
C SER C 117 -34.98 -1.04 -9.94
N ALA C 118 -34.49 -2.27 -9.90
CA ALA C 118 -33.08 -2.54 -9.87
C ALA C 118 -32.81 -3.83 -10.63
N ILE C 119 -31.61 -3.94 -11.21
CA ILE C 119 -31.12 -5.20 -11.82
C ILE C 119 -29.72 -5.46 -11.22
N PRO C 120 -29.36 -6.72 -11.03
CA PRO C 120 -28.05 -6.96 -10.42
C PRO C 120 -26.95 -7.00 -11.49
N THR C 121 -25.73 -6.71 -11.10
CA THR C 121 -24.59 -6.69 -12.04
C THR C 121 -23.30 -6.48 -11.26
N ASP C 122 -22.18 -6.90 -11.86
CA ASP C 122 -20.85 -6.68 -11.30
C ASP C 122 -20.21 -5.39 -11.83
N ILE C 123 -19.78 -4.51 -10.93
CA ILE C 123 -19.18 -3.22 -11.27
C ILE C 123 -17.73 -3.19 -10.82
N CYS C 124 -16.83 -2.91 -11.75
CA CYS C 124 -15.47 -2.68 -11.35
C CYS C 124 -15.22 -1.21 -11.13
N ILE C 125 -14.80 -0.88 -9.91
CA ILE C 125 -14.54 0.50 -9.49
C ILE C 125 -13.16 0.62 -8.89
N HIS C 126 -12.35 1.50 -9.45
CA HIS C 126 -10.94 1.64 -9.10
C HIS C 126 -10.24 0.27 -8.88
N LYS C 127 -10.47 -0.63 -9.85
CA LYS C 127 -9.87 -2.00 -9.92
C LYS C 127 -10.47 -3.14 -9.00
N ARG C 128 -11.45 -2.80 -8.15
CA ARG C 128 -12.18 -3.79 -7.31
C ARG C 128 -13.57 -4.11 -7.90
N THR C 129 -13.87 -5.40 -8.02
CA THR C 129 -15.17 -5.83 -8.53
C THR C 129 -16.15 -6.09 -7.41
N ILE C 130 -17.31 -5.48 -7.52
CA ILE C 130 -18.30 -5.54 -6.45
C ILE C 130 -19.67 -5.81 -7.10
N LYS C 131 -20.43 -6.75 -6.53
CA LYS C 131 -21.83 -6.95 -6.97
C LYS C 131 -22.76 -5.78 -6.52
N MET C 132 -23.48 -5.20 -7.48
CA MET C 132 -24.21 -3.99 -7.27
C MET C 132 -25.62 -4.16 -7.80
N ALA C 133 -26.54 -3.40 -7.25
CA ALA C 133 -27.79 -3.14 -7.88
C ALA C 133 -27.62 -1.86 -8.72
N GLU C 134 -28.13 -1.88 -9.93
CA GLU C 134 -28.21 -0.64 -10.67
C GLU C 134 -29.66 -0.24 -10.75
N VAL C 135 -29.93 0.89 -10.10
CA VAL C 135 -31.26 1.41 -9.85
C VAL C 135 -31.73 2.31 -11.01
N ASN C 136 -32.96 2.10 -11.44
CA ASN C 136 -33.47 2.85 -12.54
C ASN C 136 -34.95 3.04 -12.40
N PHE C 137 -35.48 3.98 -13.19
CA PHE C 137 -36.91 4.15 -13.42
C PHE C 137 -37.74 4.61 -12.24
N LEU C 138 -37.11 5.26 -11.26
CA LEU C 138 -37.81 5.84 -10.10
C LEU C 138 -38.79 6.93 -10.58
N CYS C 139 -40.06 6.80 -10.20
CA CYS C 139 -41.08 7.73 -10.67
C CYS C 139 -42.23 7.84 -9.66
N VAL C 140 -42.64 9.06 -9.34
CA VAL C 140 -43.91 9.32 -8.62
C VAL C 140 -44.82 10.15 -9.54
N HIS C 141 -46.10 9.77 -9.61
CA HIS C 141 -47.15 10.54 -10.31
C HIS C 141 -47.10 12.03 -10.00
N LYS C 142 -47.35 12.87 -11.01
CA LYS C 142 -47.28 14.34 -10.85
C LYS C 142 -48.17 14.88 -9.76
N THR C 143 -49.34 14.29 -9.56
CA THR C 143 -50.32 14.74 -8.54
C THR C 143 -49.86 14.48 -7.10
N LEU C 144 -48.78 13.70 -6.95
CA LEU C 144 -48.29 13.30 -5.62
C LEU C 144 -46.86 13.72 -5.32
N ARG C 145 -46.39 14.76 -6.01
CA ARG C 145 -45.03 15.25 -5.82
C ARG C 145 -44.85 16.03 -4.51
N SER C 146 -43.62 16.05 -3.99
CA SER C 146 -43.24 16.80 -2.78
C SER C 146 -43.92 16.36 -1.47
N LYS C 147 -44.10 15.05 -1.31
N LYS C 147 -44.11 15.04 -1.34
CA LYS C 147 -44.75 14.52 -0.13
CA LYS C 147 -44.80 14.48 -0.18
C LYS C 147 -43.91 13.47 0.55
C LYS C 147 -43.91 13.50 0.58
N ARG C 148 -42.64 13.41 0.17
CA ARG C 148 -41.64 12.50 0.78
C ARG C 148 -41.84 11.02 0.42
N LEU C 149 -42.37 10.77 -0.79
CA LEU C 149 -42.65 9.43 -1.30
C LEU C 149 -41.46 8.75 -1.97
N ALA C 150 -40.56 9.56 -2.52
CA ALA C 150 -39.36 9.02 -3.12
C ALA C 150 -38.52 8.30 -2.05
N PRO C 151 -38.33 8.92 -0.85
CA PRO C 151 -37.56 8.25 0.18
C PRO C 151 -38.10 6.91 0.61
N VAL C 152 -39.41 6.76 0.63
CA VAL C 152 -40.02 5.46 0.94
C VAL C 152 -39.67 4.45 -0.17
N LEU C 153 -39.74 4.87 -1.44
CA LEU C 153 -39.33 3.98 -2.54
C LEU C 153 -37.88 3.48 -2.44
N ILE C 154 -36.99 4.40 -2.11
CA ILE C 154 -35.56 4.16 -2.10
C ILE C 154 -35.27 3.19 -0.96
N LYS C 155 -35.86 3.49 0.20
CA LYS C 155 -35.64 2.70 1.42
C LYS C 155 -36.19 1.29 1.32
N GLU C 156 -37.41 1.11 0.80
CA GLU C 156 -37.96 -0.21 0.45
C GLU C 156 -37.08 -0.98 -0.57
N ILE C 157 -36.65 -0.32 -1.65
CA ILE C 157 -35.75 -1.00 -2.60
C ILE C 157 -34.40 -1.37 -1.99
N THR C 158 -33.80 -0.49 -1.18
CA THR C 158 -32.60 -0.85 -0.40
C THR C 158 -32.80 -2.12 0.46
N ARG C 159 -33.97 -2.20 1.10
CA ARG C 159 -34.25 -3.28 2.03
C ARG C 159 -34.21 -4.63 1.28
N ARG C 160 -34.83 -4.65 0.08
CA ARG C 160 -34.97 -5.86 -0.74
C ARG C 160 -33.70 -6.28 -1.41
N ILE C 161 -32.87 -5.28 -1.73
CA ILE C 161 -31.57 -5.51 -2.32
C ILE C 161 -30.73 -6.19 -1.22
N ASN C 162 -30.76 -5.62 -0.01
CA ASN C 162 -29.96 -6.14 1.12
C ASN C 162 -30.27 -7.59 1.49
N LEU C 163 -31.51 -8.02 1.27
CA LEU C 163 -31.96 -9.42 1.49
C LEU C 163 -31.26 -10.41 0.54
N GLU C 164 -30.60 -9.85 -0.47
CA GLU C 164 -29.81 -10.60 -1.42
C GLU C 164 -28.34 -10.54 -1.05
N ASN C 165 -28.01 -9.94 0.12
CA ASN C 165 -26.61 -9.77 0.54
C ASN C 165 -25.84 -8.87 -0.46
N ILE C 166 -26.51 -7.83 -0.94
CA ILE C 166 -25.90 -6.86 -1.85
C ILE C 166 -25.97 -5.52 -1.11
N TRP C 167 -24.85 -4.81 -1.02
CA TRP C 167 -24.75 -3.64 -0.13
C TRP C 167 -24.31 -2.33 -0.83
N GLN C 168 -24.12 -2.41 -2.14
CA GLN C 168 -23.73 -1.27 -2.93
C GLN C 168 -24.63 -1.13 -4.14
N ALA C 169 -24.63 0.05 -4.71
CA ALA C 169 -25.48 0.36 -5.83
C ALA C 169 -24.89 1.47 -6.69
N ILE C 170 -25.37 1.52 -7.93
CA ILE C 170 -24.97 2.53 -8.94
CA ILE C 170 -24.98 2.55 -8.91
C ILE C 170 -26.25 3.06 -9.61
N TYR C 171 -26.35 4.38 -9.74
CA TYR C 171 -27.48 5.06 -10.37
C TYR C 171 -26.95 6.36 -10.97
N THR C 172 -27.74 6.91 -11.89
CA THR C 172 -27.41 8.19 -12.55
C THR C 172 -28.57 9.17 -12.37
N ALA C 173 -28.28 10.47 -12.30
CA ALA C 173 -29.35 11.47 -12.42
C ALA C 173 -28.95 12.70 -13.21
N GLY C 174 -29.99 13.37 -13.69
CA GLY C 174 -29.92 14.75 -14.17
C GLY C 174 -29.70 15.75 -13.03
N VAL C 175 -30.16 15.47 -11.80
CA VAL C 175 -29.96 16.45 -10.72
C VAL C 175 -28.68 16.25 -9.92
N TYR C 176 -28.27 17.32 -9.23
CA TYR C 176 -27.14 17.31 -8.32
C TYR C 176 -27.54 16.81 -6.93
N LEU C 177 -26.92 15.71 -6.52
CA LEU C 177 -27.21 15.07 -5.23
C LEU C 177 -25.87 14.77 -4.56
N PRO C 178 -25.86 14.47 -3.26
CA PRO C 178 -24.57 14.08 -2.67
C PRO C 178 -24.19 12.60 -2.87
N LYS C 179 -23.03 12.31 -3.47
CA LYS C 179 -22.19 13.25 -4.24
C LYS C 179 -21.78 12.52 -5.50
N PRO C 180 -21.65 13.21 -6.66
CA PRO C 180 -21.25 12.45 -7.88
C PRO C 180 -19.88 11.83 -7.80
N VAL C 181 -19.70 10.61 -8.31
CA VAL C 181 -18.32 10.13 -8.53
C VAL C 181 -17.68 10.73 -9.79
N SER C 182 -18.54 11.15 -10.72
CA SER C 182 -18.13 11.76 -11.97
C SER C 182 -19.38 12.43 -12.57
N ASP C 183 -19.17 13.36 -13.50
CA ASP C 183 -20.23 14.14 -14.16
C ASP C 183 -19.94 14.22 -15.62
N ALA C 184 -20.95 14.06 -16.46
CA ALA C 184 -20.72 13.94 -17.88
C ALA C 184 -21.73 14.74 -18.71
N ARG C 185 -21.23 15.66 -19.52
CA ARG C 185 -22.06 16.51 -20.40
C ARG C 185 -22.57 15.64 -21.55
N TYR C 186 -23.80 15.88 -21.95
CA TYR C 186 -24.32 15.21 -23.15
C TYR C 186 -24.26 16.11 -24.39
N TYR C 187 -24.07 15.50 -25.56
CA TYR C 187 -23.91 16.22 -26.81
C TYR C 187 -24.90 15.65 -27.79
N HIS C 188 -25.18 16.40 -28.84
CA HIS C 188 -26.25 16.07 -29.74
C HIS C 188 -25.74 16.26 -31.15
N ARG C 189 -25.87 15.23 -31.97
CA ARG C 189 -25.68 15.41 -33.39
C ARG C 189 -27.01 15.34 -34.16
N SER C 190 -27.38 16.46 -34.78
CA SER C 190 -28.65 16.60 -35.51
C SER C 190 -28.60 15.83 -36.83
N ILE C 191 -29.70 15.12 -37.15
CA ILE C 191 -29.86 14.32 -38.36
C ILE C 191 -31.05 14.82 -39.21
N ASN C 192 -32.25 14.87 -38.63
CA ASN C 192 -33.37 15.55 -39.27
C ASN C 192 -33.40 16.98 -38.72
N VAL C 193 -32.65 17.86 -39.39
CA VAL C 193 -32.35 19.20 -38.88
C VAL C 193 -33.63 20.01 -38.90
N LYS C 194 -34.45 19.74 -39.91
CA LYS C 194 -35.68 20.47 -40.13
C LYS C 194 -36.60 20.37 -38.90
N LYS C 195 -36.90 19.14 -38.50
CA LYS C 195 -37.71 18.85 -37.30
C LYS C 195 -37.08 19.43 -36.02
N LEU C 196 -35.76 19.33 -35.89
CA LEU C 196 -35.07 19.92 -34.75
C LEU C 196 -35.13 21.47 -34.63
N ILE C 197 -35.13 22.20 -35.74
CA ILE C 197 -35.35 23.65 -35.67
C ILE C 197 -36.80 24.01 -35.30
N GLU C 198 -37.77 23.39 -35.99
CA GLU C 198 -39.20 23.59 -35.67
C GLU C 198 -39.59 23.38 -34.20
N ILE C 199 -38.73 22.74 -33.42
CA ILE C 199 -38.95 22.55 -32.00
C ILE C 199 -37.72 23.05 -31.20
N GLY C 200 -37.30 24.30 -31.45
CA GLY C 200 -36.23 24.99 -30.68
C GLY C 200 -34.80 24.45 -30.43
N PHE C 201 -34.08 24.03 -31.48
CA PHE C 201 -32.70 23.52 -31.31
C PHE C 201 -31.70 24.07 -32.32
N TYR C 217 -25.58 21.40 -44.94
CA TYR C 217 -24.61 20.32 -44.79
C TYR C 217 -25.09 18.93 -45.31
N ARG C 218 -24.16 18.01 -45.61
CA ARG C 218 -24.50 16.67 -46.16
C ARG C 218 -23.73 15.43 -45.61
N VAL C 219 -24.48 14.40 -45.22
CA VAL C 219 -23.87 13.12 -44.78
C VAL C 219 -23.79 12.07 -45.92
N GLU C 220 -22.59 11.55 -46.20
CA GLU C 220 -22.43 10.51 -47.25
C GLU C 220 -22.98 9.13 -46.81
N ASP C 221 -23.85 8.55 -47.63
CA ASP C 221 -24.48 7.25 -47.35
C ASP C 221 -23.58 6.03 -47.72
N THR C 222 -22.29 6.12 -47.42
CA THR C 222 -21.37 5.01 -47.58
C THR C 222 -20.57 4.84 -46.30
N LEU C 223 -20.56 3.62 -45.78
CA LEU C 223 -19.88 3.33 -44.52
C LEU C 223 -18.35 3.33 -44.70
N ASN C 224 -17.62 4.00 -43.79
CA ASN C 224 -16.15 3.89 -43.74
C ASN C 224 -15.66 2.47 -43.54
N ILE C 225 -16.27 1.74 -42.60
CA ILE C 225 -15.98 0.31 -42.37
C ILE C 225 -17.02 -0.48 -43.15
N LYS C 226 -16.67 -0.93 -44.37
CA LYS C 226 -17.67 -1.40 -45.35
C LYS C 226 -18.47 -2.64 -44.96
N ASN C 227 -17.90 -3.46 -44.07
CA ASN C 227 -18.53 -4.75 -43.73
C ASN C 227 -19.33 -4.77 -42.47
N MET C 228 -19.38 -3.62 -41.80
CA MET C 228 -20.18 -3.43 -40.60
CA MET C 228 -20.19 -3.42 -40.62
C MET C 228 -21.59 -4.00 -40.85
N ARG C 229 -21.94 -5.04 -40.07
CA ARG C 229 -23.26 -5.75 -40.20
C ARG C 229 -23.90 -5.98 -38.84
N LEU C 230 -25.23 -6.19 -38.85
CA LEU C 230 -26.01 -6.47 -37.64
C LEU C 230 -25.47 -7.73 -36.97
N MET C 231 -25.31 -7.64 -35.64
CA MET C 231 -24.77 -8.71 -34.80
C MET C 231 -25.71 -9.92 -34.83
N LYS C 232 -25.11 -11.10 -34.97
N LYS C 232 -25.13 -11.11 -35.00
CA LYS C 232 -25.86 -12.36 -34.89
CA LYS C 232 -25.88 -12.37 -34.91
C LYS C 232 -25.41 -13.12 -33.66
C LYS C 232 -25.40 -13.15 -33.70
N LYS C 233 -26.17 -14.15 -33.27
CA LYS C 233 -25.83 -15.02 -32.10
C LYS C 233 -24.41 -15.64 -32.17
N LYS C 234 -23.95 -15.97 -33.40
CA LYS C 234 -22.58 -16.49 -33.62
C LYS C 234 -21.49 -15.46 -33.23
N ASP C 235 -21.84 -14.18 -33.20
CA ASP C 235 -20.92 -13.13 -32.80
C ASP C 235 -20.75 -12.86 -31.29
N VAL C 236 -21.64 -13.41 -30.44
CA VAL C 236 -21.58 -13.19 -28.96
C VAL C 236 -20.14 -13.31 -28.39
N GLU C 237 -19.53 -14.51 -28.52
CA GLU C 237 -18.13 -14.78 -28.11
C GLU C 237 -17.14 -13.69 -28.54
N GLY C 238 -17.20 -13.26 -29.78
CA GLY C 238 -16.26 -12.24 -30.27
C GLY C 238 -16.46 -10.82 -29.71
N VAL C 239 -17.70 -10.42 -29.45
CA VAL C 239 -17.99 -9.20 -28.70
C VAL C 239 -17.51 -9.30 -27.25
N HIS C 240 -17.80 -10.42 -26.57
CA HIS C 240 -17.41 -10.59 -25.15
C HIS C 240 -15.89 -10.30 -24.94
N LYS C 241 -15.06 -10.77 -25.88
CA LYS C 241 -13.60 -10.58 -25.85
C LYS C 241 -13.23 -9.17 -26.28
N LEU C 242 -13.87 -8.66 -27.33
CA LEU C 242 -13.59 -7.33 -27.83
C LEU C 242 -13.96 -6.29 -26.77
N LEU C 243 -15.19 -6.35 -26.25
CA LEU C 243 -15.68 -5.30 -25.35
C LEU C 243 -15.06 -5.46 -23.97
N GLY C 244 -14.98 -6.71 -23.50
CA GLY C 244 -14.45 -7.07 -22.19
C GLY C 244 -13.03 -6.59 -21.99
N SER C 245 -12.20 -6.70 -23.03
CA SER C 245 -10.81 -6.26 -23.02
CA SER C 245 -10.80 -6.25 -22.97
C SER C 245 -10.73 -4.74 -23.09
N TYR C 246 -11.65 -4.17 -23.86
CA TYR C 246 -11.67 -2.74 -24.08
C TYR C 246 -11.95 -2.01 -22.78
N LEU C 247 -12.80 -2.57 -21.94
CA LEU C 247 -13.32 -1.79 -20.81
C LEU C 247 -12.43 -1.73 -19.56
N GLU C 248 -11.48 -2.67 -19.46
CA GLU C 248 -10.53 -2.78 -18.33
C GLU C 248 -9.61 -1.56 -18.13
N GLN C 249 -9.63 -0.62 -19.05
CA GLN C 249 -8.84 0.62 -18.94
C GLN C 249 -9.51 1.72 -18.08
N PHE C 250 -10.83 1.61 -17.88
CA PHE C 250 -11.58 2.67 -17.22
C PHE C 250 -11.69 2.42 -15.71
N ASN C 251 -11.91 3.50 -14.96
CA ASN C 251 -12.04 3.43 -13.52
CA ASN C 251 -12.04 3.42 -13.51
C ASN C 251 -13.39 2.84 -13.10
N LEU C 252 -14.34 2.83 -14.04
CA LEU C 252 -15.72 2.48 -13.71
C LEU C 252 -16.36 1.74 -14.88
N TYR C 253 -16.75 0.50 -14.69
CA TYR C 253 -17.32 -0.29 -15.78
C TYR C 253 -17.96 -1.54 -15.21
N ALA C 254 -18.91 -2.11 -15.96
CA ALA C 254 -19.48 -3.40 -15.63
C ALA C 254 -18.64 -4.56 -16.22
N VAL C 255 -18.49 -5.64 -15.43
CA VAL C 255 -17.83 -6.90 -15.88
C VAL C 255 -18.87 -7.87 -16.46
N PHE C 256 -18.90 -7.99 -17.77
CA PHE C 256 -19.94 -8.73 -18.47
C PHE C 256 -19.62 -10.22 -18.50
N THR C 257 -20.62 -11.04 -18.31
CA THR C 257 -20.51 -12.47 -18.65
C THR C 257 -21.10 -12.67 -20.06
N LYS C 258 -20.79 -13.81 -20.67
CA LYS C 258 -21.29 -14.16 -21.99
C LYS C 258 -22.81 -13.96 -22.12
N GLU C 259 -23.53 -14.48 -21.12
CA GLU C 259 -24.98 -14.39 -20.97
CA GLU C 259 -25.00 -14.39 -21.07
C GLU C 259 -25.48 -12.93 -21.08
N GLU C 260 -24.78 -12.03 -20.38
CA GLU C 260 -25.07 -10.59 -20.37
C GLU C 260 -24.77 -9.91 -21.72
N ILE C 261 -23.73 -10.35 -22.41
CA ILE C 261 -23.43 -9.92 -23.76
C ILE C 261 -24.58 -10.28 -24.69
N ALA C 262 -25.01 -11.56 -24.72
CA ALA C 262 -26.18 -12.00 -25.52
C ALA C 262 -27.41 -11.11 -25.27
N HIS C 263 -27.71 -10.88 -23.99
CA HIS C 263 -28.82 -10.02 -23.59
C HIS C 263 -28.71 -8.51 -23.98
N TRP C 264 -27.61 -7.87 -23.59
CA TRP C 264 -27.48 -6.43 -23.77
C TRP C 264 -27.16 -6.00 -25.23
N PHE C 265 -26.71 -6.94 -26.08
CA PHE C 265 -26.24 -6.59 -27.41
C PHE C 265 -26.93 -7.15 -28.62
N LEU C 266 -27.58 -8.31 -28.49
CA LEU C 266 -28.30 -8.87 -29.63
C LEU C 266 -29.42 -7.95 -30.05
N PRO C 267 -29.53 -7.66 -31.38
CA PRO C 267 -30.48 -6.71 -31.93
C PRO C 267 -31.95 -7.04 -31.72
N ILE C 268 -32.67 -6.01 -31.25
CA ILE C 268 -34.13 -6.00 -31.13
C ILE C 268 -34.57 -4.66 -31.72
N GLU C 269 -35.19 -4.74 -32.91
CA GLU C 269 -35.91 -3.62 -33.58
C GLU C 269 -36.57 -2.62 -32.62
N ASN C 270 -36.12 -1.36 -32.69
CA ASN C 270 -36.63 -0.20 -31.89
C ASN C 270 -36.29 -0.21 -30.41
N VAL C 271 -35.30 -1.02 -30.05
CA VAL C 271 -34.79 -1.12 -28.69
C VAL C 271 -33.24 -0.96 -28.69
N ILE C 272 -32.52 -1.91 -29.29
CA ILE C 272 -31.04 -1.94 -29.27
C ILE C 272 -30.46 -2.38 -30.63
N TYR C 273 -29.49 -1.61 -31.12
CA TYR C 273 -28.81 -1.88 -32.40
C TYR C 273 -27.32 -2.12 -32.16
N THR C 274 -26.84 -3.27 -32.62
CA THR C 274 -25.43 -3.60 -32.53
C THR C 274 -24.98 -4.10 -33.88
N TYR C 275 -23.89 -3.49 -34.32
CA TYR C 275 -23.21 -3.83 -35.58
C TYR C 275 -21.80 -4.22 -35.24
N VAL C 276 -21.30 -5.19 -36.00
CA VAL C 276 -19.94 -5.69 -35.83
C VAL C 276 -19.20 -5.72 -37.17
N ASN C 277 -17.85 -5.70 -37.10
CA ASN C 277 -17.00 -5.97 -38.27
C ASN C 277 -16.21 -7.23 -38.05
N GLU C 278 -16.55 -8.27 -38.80
CA GLU C 278 -15.84 -9.52 -38.72
C GLU C 278 -14.74 -9.69 -39.79
N GLU C 279 -13.48 -9.68 -39.34
CA GLU C 279 -12.28 -9.91 -40.17
C GLU C 279 -11.53 -11.23 -39.85
N ASN C 280 -11.24 -11.94 -40.94
N ASN C 280 -11.26 -12.09 -40.82
CA ASN C 280 -11.11 -13.41 -41.06
CA ASN C 280 -10.43 -13.29 -40.56
C ASN C 280 -12.25 -14.20 -40.42
C ASN C 280 -10.93 -14.22 -39.41
N GLY C 281 -12.23 -14.15 -39.10
CA GLY C 281 -12.96 -15.04 -38.22
C GLY C 281 -13.12 -14.36 -36.88
N LYS C 282 -12.69 -13.10 -36.78
CA LYS C 282 -12.61 -12.41 -35.49
C LYS C 282 -13.39 -11.09 -35.46
N ILE C 283 -14.05 -10.79 -34.35
CA ILE C 283 -14.78 -9.51 -34.15
C ILE C 283 -13.84 -8.33 -33.79
N LYS C 284 -13.60 -7.44 -34.76
CA LYS C 284 -12.55 -6.42 -34.61
C LYS C 284 -13.04 -4.98 -34.34
N ASP C 285 -14.32 -4.75 -34.66
CA ASP C 285 -15.00 -3.47 -34.44
C ASP C 285 -16.44 -3.70 -33.98
N MET C 286 -16.96 -2.78 -33.15
CA MET C 286 -18.39 -2.76 -32.83
C MET C 286 -18.95 -1.34 -32.74
N ILE C 287 -20.21 -1.24 -33.11
CA ILE C 287 -21.01 -0.04 -32.84
C ILE C 287 -22.31 -0.44 -32.12
N SER C 288 -22.72 0.30 -31.08
CA SER C 288 -24.07 0.09 -30.57
C SER C 288 -24.72 1.36 -30.13
N PHE C 289 -26.02 1.41 -30.27
CA PHE C 289 -26.88 2.48 -29.79
C PHE C 289 -28.27 1.93 -29.43
N TYR C 290 -28.95 2.58 -28.48
CA TYR C 290 -30.32 2.22 -28.18
C TYR C 290 -31.31 3.33 -28.52
N SER C 291 -32.57 2.93 -28.70
CA SER C 291 -33.65 3.79 -29.09
C SER C 291 -34.49 4.23 -27.90
N LEU C 292 -34.49 5.53 -27.61
CA LEU C 292 -35.29 6.06 -26.54
C LEU C 292 -36.02 7.29 -27.07
N PRO C 293 -37.34 7.16 -27.39
CA PRO C 293 -37.99 8.36 -27.91
C PRO C 293 -38.33 9.32 -26.78
N SER C 294 -38.77 10.52 -27.15
CA SER C 294 -39.31 11.50 -26.22
C SER C 294 -40.58 12.13 -26.77
N GLN C 295 -41.52 12.38 -25.88
CA GLN C 295 -42.70 13.15 -26.18
C GLN C 295 -42.35 14.64 -26.33
N ILE C 296 -42.85 15.25 -27.41
CA ILE C 296 -42.70 16.70 -27.63
C ILE C 296 -43.88 17.39 -26.96
N LEU C 297 -43.60 18.06 -25.85
CA LEU C 297 -44.70 18.54 -25.01
C LEU C 297 -45.42 19.75 -25.60
N GLY C 298 -46.71 19.56 -25.88
CA GLY C 298 -47.56 20.66 -26.37
C GLY C 298 -47.19 21.25 -27.72
N ASN C 299 -46.46 20.48 -28.53
CA ASN C 299 -46.31 20.73 -29.97
C ASN C 299 -47.38 19.91 -30.68
N ASP C 300 -48.31 20.63 -31.32
CA ASP C 300 -49.42 20.03 -32.08
C ASP C 300 -48.98 19.40 -33.45
N LYS C 301 -47.92 19.95 -34.06
CA LYS C 301 -47.37 19.48 -35.37
C LYS C 301 -46.61 18.11 -35.29
N TYR C 302 -45.74 17.96 -34.27
CA TYR C 302 -45.01 16.71 -33.95
C TYR C 302 -45.20 16.24 -32.51
N SER C 303 -45.63 15.00 -32.34
CA SER C 303 -45.76 14.42 -31.00
C SER C 303 -44.50 13.70 -30.43
N THR C 304 -43.70 13.00 -31.25
CA THR C 304 -42.50 12.28 -30.76
C THR C 304 -41.10 12.59 -31.46
N LEU C 305 -40.03 12.74 -30.66
CA LEU C 305 -38.65 12.72 -31.18
C LEU C 305 -38.10 11.30 -31.14
N ASN C 306 -37.62 10.81 -32.28
CA ASN C 306 -37.03 9.50 -32.32
CA ASN C 306 -37.04 9.46 -32.39
C ASN C 306 -35.51 9.63 -32.25
N ALA C 307 -34.98 9.34 -31.06
CA ALA C 307 -33.57 9.51 -30.71
C ALA C 307 -32.81 8.20 -30.54
N ALA C 308 -31.57 8.18 -31.02
CA ALA C 308 -30.66 7.06 -30.77
C ALA C 308 -29.64 7.52 -29.76
N TYR C 309 -29.38 6.70 -28.72
CA TYR C 309 -28.34 7.01 -27.68
C TYR C 309 -27.08 6.14 -27.84
N SER C 310 -25.91 6.78 -27.91
CA SER C 310 -24.66 6.07 -28.05
C SER C 310 -24.47 5.10 -26.88
N PHE C 311 -24.05 3.86 -27.14
CA PHE C 311 -23.98 2.82 -26.09
C PHE C 311 -22.54 2.32 -25.86
N TYR C 312 -22.10 1.29 -26.58
CA TYR C 312 -20.70 0.89 -26.53
C TYR C 312 -20.10 0.78 -27.93
N ASN C 313 -18.96 1.45 -28.12
CA ASN C 313 -18.27 1.49 -29.42
C ASN C 313 -16.82 1.18 -29.27
N VAL C 314 -16.31 0.28 -30.11
CA VAL C 314 -14.92 -0.13 -30.03
C VAL C 314 -14.40 -0.36 -31.44
N THR C 315 -13.26 0.24 -31.74
CA THR C 315 -12.56 -0.02 -32.98
C THR C 315 -11.08 -0.38 -32.78
N THR C 316 -10.63 -1.38 -33.56
CA THR C 316 -9.21 -1.80 -33.71
C THR C 316 -8.74 -1.87 -35.21
N THR C 317 -9.60 -1.46 -36.15
CA THR C 317 -9.18 -1.31 -37.57
C THR C 317 -9.41 0.11 -38.20
N ALA C 318 -10.04 1.02 -37.46
CA ALA C 318 -10.35 2.36 -37.99
C ALA C 318 -9.87 3.41 -37.00
N THR C 319 -10.03 4.71 -37.28
CA THR C 319 -9.86 5.70 -36.18
C THR C 319 -11.21 5.75 -35.48
N PHE C 320 -11.21 6.14 -34.21
CA PHE C 320 -12.48 6.30 -33.51
C PHE C 320 -13.47 7.25 -34.20
N LYS C 321 -12.92 8.32 -34.77
CA LYS C 321 -13.64 9.28 -35.59
C LYS C 321 -14.41 8.58 -36.71
N GLN C 322 -13.74 7.66 -37.39
CA GLN C 322 -14.35 6.93 -38.51
C GLN C 322 -15.46 6.01 -38.03
N LEU C 323 -15.26 5.38 -36.88
CA LEU C 323 -16.22 4.52 -36.26
C LEU C 323 -17.47 5.29 -35.84
N MET C 324 -17.29 6.47 -35.22
CA MET C 324 -18.45 7.28 -34.78
C MET C 324 -19.21 7.86 -35.96
N GLN C 325 -18.49 8.22 -37.02
CA GLN C 325 -19.11 8.60 -38.30
C GLN C 325 -20.03 7.50 -38.83
N ASP C 326 -19.55 6.26 -38.80
CA ASP C 326 -20.40 5.13 -39.16
C ASP C 326 -21.59 4.90 -38.24
N ALA C 327 -21.44 5.07 -36.91
CA ALA C 327 -22.59 5.01 -35.97
C ALA C 327 -23.72 5.97 -36.39
N ILE C 328 -23.35 7.24 -36.64
CA ILE C 328 -24.27 8.36 -37.03
C ILE C 328 -25.03 8.03 -38.31
N LEU C 329 -24.31 7.48 -39.31
CA LEU C 329 -24.90 6.97 -40.54
C LEU C 329 -25.94 5.84 -40.28
N LEU C 330 -25.62 4.97 -39.34
CA LEU C 330 -26.44 3.79 -39.13
C LEU C 330 -27.71 4.21 -38.40
N ALA C 331 -27.60 5.28 -37.62
CA ALA C 331 -28.76 5.86 -37.04
C ALA C 331 -29.65 6.56 -38.08
N LYS C 332 -29.04 7.28 -39.02
CA LYS C 332 -29.75 7.90 -40.15
C LYS C 332 -30.44 6.84 -41.00
N ARG C 333 -29.72 5.77 -41.32
CA ARG C 333 -30.31 4.65 -42.05
C ARG C 333 -31.53 4.02 -41.32
N ASN C 334 -31.49 4.02 -39.97
CA ASN C 334 -32.55 3.44 -39.10
C ASN C 334 -33.58 4.42 -38.59
N ASN C 335 -33.52 5.62 -39.18
CA ASN C 335 -34.57 6.66 -39.12
C ASN C 335 -34.69 7.45 -37.85
N PHE C 336 -33.53 7.72 -37.25
CA PHE C 336 -33.50 8.52 -36.05
C PHE C 336 -33.32 10.01 -36.38
N ASP C 337 -33.92 10.87 -35.56
CA ASP C 337 -33.83 12.31 -35.71
C ASP C 337 -32.52 12.90 -35.19
N VAL C 338 -32.00 12.27 -34.14
CA VAL C 338 -30.83 12.76 -33.42
C VAL C 338 -30.01 11.58 -32.89
N PHE C 339 -28.72 11.84 -32.62
CA PHE C 339 -27.83 10.83 -32.06
C PHE C 339 -27.12 11.54 -30.92
N ASN C 340 -27.40 11.00 -29.74
CA ASN C 340 -26.97 11.57 -28.47
C ASN C 340 -25.84 10.80 -27.82
N ALA C 341 -24.80 11.51 -27.40
CA ALA C 341 -23.69 10.87 -26.67
C ALA C 341 -23.28 11.64 -25.41
N LEU C 342 -22.74 10.90 -24.45
CA LEU C 342 -22.10 11.49 -23.28
C LEU C 342 -20.57 11.58 -23.46
N GLU C 343 -19.94 12.53 -22.77
CA GLU C 343 -18.48 12.73 -22.83
C GLU C 343 -17.70 11.65 -22.07
N VAL C 344 -18.17 10.41 -22.12
CA VAL C 344 -17.48 9.32 -21.44
C VAL C 344 -16.61 8.55 -22.44
N MET C 345 -15.75 7.67 -21.93
CA MET C 345 -14.86 6.80 -22.73
C MET C 345 -14.03 7.65 -23.69
N GLN C 346 -14.01 7.32 -24.98
CA GLN C 346 -13.26 8.15 -25.97
C GLN C 346 -14.12 9.19 -26.66
N ASN C 347 -15.36 9.40 -26.19
CA ASN C 347 -16.34 10.21 -26.91
C ASN C 347 -16.05 11.69 -27.10
N LYS C 348 -15.43 12.31 -26.09
CA LYS C 348 -15.10 13.75 -26.18
C LYS C 348 -14.31 14.04 -27.46
N SER C 349 -13.26 13.25 -27.71
CA SER C 349 -12.32 13.45 -28.82
C SER C 349 -12.94 13.67 -30.23
N VAL C 350 -14.12 13.11 -30.52
CA VAL C 350 -14.72 13.25 -31.86
C VAL C 350 -15.86 14.28 -31.97
N PHE C 351 -16.29 14.87 -30.85
CA PHE C 351 -17.45 15.79 -30.87
C PHE C 351 -17.31 17.02 -31.78
N GLU C 352 -16.14 17.68 -31.73
CA GLU C 352 -15.82 18.82 -32.60
C GLU C 352 -15.94 18.38 -34.09
N ASP C 353 -15.15 17.37 -34.48
CA ASP C 353 -15.06 16.95 -35.89
C ASP C 353 -16.36 16.40 -36.49
N LEU C 354 -17.21 15.81 -35.64
CA LEU C 354 -18.48 15.25 -36.12
C LEU C 354 -19.75 16.06 -35.78
N LYS C 355 -19.55 17.35 -35.47
CA LYS C 355 -20.65 18.32 -35.53
C LYS C 355 -21.63 18.22 -34.34
N PHE C 356 -21.20 17.64 -33.21
CA PHE C 356 -22.07 17.56 -32.01
C PHE C 356 -22.14 18.96 -31.39
N GLY C 357 -23.32 19.44 -31.05
CA GLY C 357 -23.42 20.68 -30.24
C GLY C 357 -23.52 20.30 -28.77
N GLU C 358 -22.81 21.01 -27.88
CA GLU C 358 -22.92 20.76 -26.43
C GLU C 358 -24.38 20.94 -25.97
N GLY C 359 -24.86 20.05 -25.10
CA GLY C 359 -26.19 20.13 -24.53
C GLY C 359 -26.33 21.08 -23.35
N ASP C 360 -27.52 21.11 -22.76
CA ASP C 360 -27.85 22.10 -21.73
C ASP C 360 -27.39 21.80 -20.29
N GLY C 361 -27.12 20.54 -19.99
CA GLY C 361 -26.65 20.10 -18.69
C GLY C 361 -25.94 18.77 -18.79
N SER C 362 -25.98 18.01 -17.72
CA SER C 362 -25.15 16.84 -17.68
C SER C 362 -25.81 15.70 -16.91
N LEU C 363 -25.19 14.51 -16.99
CA LEU C 363 -25.60 13.29 -16.27
C LEU C 363 -24.56 12.98 -15.21
N LYS C 364 -25.01 12.94 -13.94
CA LYS C 364 -24.14 12.67 -12.77
C LYS C 364 -24.20 11.17 -12.45
N TYR C 365 -23.01 10.56 -12.24
CA TYR C 365 -22.88 9.15 -11.84
C TYR C 365 -22.78 9.01 -10.31
N TYR C 366 -23.52 8.09 -9.72
CA TYR C 366 -23.49 7.91 -8.26
C TYR C 366 -23.21 6.52 -7.79
N LEU C 367 -22.58 6.40 -6.64
CA LEU C 367 -22.50 5.10 -6.01
C LEU C 367 -23.19 5.21 -4.66
N TYR C 368 -23.79 4.12 -4.21
CA TYR C 368 -24.37 4.03 -2.88
C TYR C 368 -23.45 3.17 -2.00
N ASN C 369 -23.23 3.64 -0.76
CA ASN C 369 -22.37 2.98 0.24
C ASN C 369 -20.98 2.59 -0.31
N TRP C 370 -20.38 3.55 -1.04
CA TRP C 370 -19.02 3.42 -1.54
C TRP C 370 -18.31 4.77 -1.56
N LYS C 371 -17.08 4.73 -1.09
CA LYS C 371 -16.27 5.90 -0.77
C LYS C 371 -15.02 5.82 -1.61
N CYS C 372 -14.83 6.79 -2.51
CA CYS C 372 -13.72 6.80 -3.48
C CYS C 372 -13.52 8.20 -4.10
N ALA C 373 -12.32 8.44 -4.65
CA ALA C 373 -12.01 9.71 -5.30
C ALA C 373 -12.84 9.89 -6.58
N SER C 374 -13.40 11.10 -6.75
CA SER C 374 -14.01 11.54 -8.01
C SER C 374 -12.99 11.53 -9.15
N PHE C 375 -13.48 11.59 -10.37
CA PHE C 375 -12.64 11.42 -11.57
C PHE C 375 -13.38 11.89 -12.81
N ALA C 376 -12.60 12.39 -13.77
CA ALA C 376 -13.10 12.99 -15.01
C ALA C 376 -13.84 11.92 -15.89
N PRO C 377 -14.94 12.31 -16.65
CA PRO C 377 -15.76 11.39 -17.49
CA PRO C 377 -15.76 11.37 -17.47
C PRO C 377 -15.01 10.52 -18.51
N ALA C 378 -13.85 10.97 -19.00
CA ALA C 378 -12.95 10.14 -19.87
C ALA C 378 -12.59 8.80 -19.22
N HIS C 379 -12.65 8.75 -17.88
CA HIS C 379 -12.34 7.56 -17.10
C HIS C 379 -13.58 6.67 -16.75
N VAL C 380 -14.76 7.07 -17.23
CA VAL C 380 -16.01 6.33 -17.02
C VAL C 380 -16.28 5.40 -18.20
N GLY C 381 -16.46 4.12 -17.89
CA GLY C 381 -16.62 3.11 -18.92
C GLY C 381 -17.98 2.44 -18.94
N ILE C 382 -19.00 3.10 -18.42
CA ILE C 382 -20.33 2.49 -18.34
C ILE C 382 -21.40 3.48 -18.80
N VAL C 383 -22.34 2.98 -19.60
CA VAL C 383 -23.46 3.80 -20.02
C VAL C 383 -24.70 3.07 -19.55
N LEU C 384 -25.46 3.74 -18.65
CA LEU C 384 -26.74 3.20 -18.17
C LEU C 384 -27.90 3.76 -18.96
N LEU C 385 -29.03 3.07 -18.83
CA LEU C 385 -30.27 3.50 -19.47
C LEU C 385 -30.94 4.69 -18.72
S1 NHW D . 17.56 18.48 22.48
C2 NHW D . 18.87 19.68 22.76
C3 NHW D . 18.70 20.40 24.08
N4 NHW D . 19.77 21.39 24.21
C5 NHW D . 21.01 21.13 24.55
O5 NHW D . 21.46 20.01 24.67
C6 NHW D . 21.81 22.43 24.63
C7 NHW D . 23.07 22.41 25.57
N8 NHW D . 22.73 22.00 26.92
C9 NHW D . 22.01 22.72 27.77
O9 NHW D . 21.57 23.85 27.56
CP NHW D . 16.26 19.47 21.62
C10 NHW D . 21.78 22.00 29.11
O10 NHW D . 22.52 20.75 29.15
C11 NHW D . 20.30 21.72 29.42
C12 NHW D . 20.13 20.96 30.74
C13 NHW D . 19.65 20.78 28.40
C14 NHW D . 19.53 23.03 29.50
N1A NHW D . 15.67 17.31 27.26
O1A NHW D . 20.55 20.66 36.26
P1A NHW D . 19.79 20.90 35.00
C1M NHW D . 15.34 20.17 22.63
O1M NHW D . 15.59 21.36 22.92
C1X NHW D . 17.12 16.88 32.26
C2A NHW D . 14.88 17.14 28.34
O2A NHW D . 19.16 22.24 34.75
P2A NHW D . 21.56 21.30 32.77
C2M NHW D . 14.15 19.38 23.25
C2X NHW D . 18.01 15.85 32.93
O2X NHW D . 17.52 14.59 32.55
N3A NHW D . 15.40 17.04 29.56
O3A NHW D . 20.73 20.36 33.81
C3M NHW D . 14.14 19.44 24.79
C3X NHW D . 17.76 16.16 34.42
O3X NHW D . 16.51 15.59 34.87
P3X NHW D . 16.58 14.30 35.84
C4A NHW D . 16.74 17.13 29.78
O4A NHW D . 22.09 22.55 33.37
C4M NHW D . 13.01 18.62 25.37
C4X NHW D . 17.61 17.69 34.38
O4X NHW D . 17.55 18.07 32.97
C5A NHW D . 17.57 17.31 28.70
O5A NHW D . 22.43 20.36 32.01
C5M NHW D . 12.39 19.32 26.60
C5X NHW D . 18.84 18.44 34.88
O5X NHW D . 18.60 19.85 34.86
C6A NHW D . 17.03 17.40 27.41
N6A NHW D . 17.82 17.56 26.35
O6A NHW D . 20.46 21.76 31.82
C6M NHW D . 11.32 18.45 27.26
N7A NHW D . 18.83 17.35 29.16
O7A NHW D . 15.19 13.65 35.90
C7M NHW D . 9.96 18.74 26.65
C8A NHW D . 18.80 17.20 30.48
O8A NHW D . 17.46 13.22 35.06
C8M NHW D . 8.89 18.09 27.52
N9A NHW D . 17.53 17.05 30.86
O9A NHW D . 17.02 14.65 37.19
C9M NHW D . 7.50 18.44 27.04
CAM NHW D . 6.97 19.63 27.86
CBM NHW D . 5.72 20.23 27.23
CCM NHW D . 4.51 19.29 27.33
CDM NHW D . 3.24 20.04 27.00
CEM NHW D . 1.96 19.22 27.32
N YN4 E . 24.00 15.80 12.38
C7 YN4 E . 24.14 15.18 13.32
C6 YN4 E . 24.39 14.31 14.44
C5 YN4 E . 25.85 14.00 14.76
S YN4 E . 27.08 14.77 13.77
C4 YN4 E . 27.09 16.42 14.08
C8 YN4 E . 26.77 17.01 15.41
C23 YN4 E . 26.78 18.49 15.51
N4 YN4 E . 27.08 19.21 14.42
C24 YN4 E . 27.38 18.68 13.20
C3 YN4 E . 27.40 17.32 12.95
C YN4 E . 27.72 16.81 11.56
O1 YN4 E . 28.64 15.73 11.34
C1 YN4 E . 29.01 15.33 10.01
C2 YN4 E . 30.30 16.03 9.64
O YN4 E . 27.21 17.34 10.58
C22 YN4 E . 26.50 19.11 16.72
C21 YN4 E . 26.19 18.34 17.85
C10 YN4 E . 26.16 16.94 17.78
C9 YN4 E . 26.46 16.29 16.57
O2 YN4 E . 25.85 16.21 18.93
C11 YN4 E . 25.05 14.99 18.90
C12 YN4 E . 23.64 15.42 18.62
C20 YN4 E . 23.13 15.39 17.31
N3 YN4 E . 21.86 15.82 17.07
C15 YN4 E . 21.08 16.30 18.08
C14 YN4 E . 21.58 16.34 19.39
C13 YN4 E . 22.87 15.91 19.66
N1 YN4 E . 19.78 16.76 17.82
C19 YN4 E . 18.90 17.01 18.99
C18 YN4 E . 17.57 17.63 18.58
N2 YN4 E . 17.70 18.59 17.48
C17 YN4 E . 18.60 18.35 16.34
C16 YN4 E . 19.35 17.01 16.43
S SO4 F . 22.70 -2.47 11.20
O1 SO4 F . 23.63 -1.35 10.98
O2 SO4 F . 22.43 -2.68 12.63
O3 SO4 F . 23.24 -3.73 10.66
O4 SO4 F . 21.45 -2.15 10.47
MG MG G . 20.88 24.58 35.53
CL CL H . 21.40 18.54 -14.84
S1 NHW I . 20.16 -22.75 -2.22
C2 NHW I . 21.07 -24.30 -2.00
C3 NHW I . 21.62 -24.93 -3.30
N4 NHW I . 22.47 -26.08 -2.91
C5 NHW I . 23.74 -26.01 -2.50
O5 NHW I . 24.41 -24.97 -2.52
C6 NHW I . 24.34 -27.38 -2.11
C7 NHW I . 25.87 -27.48 -2.34
N8 NHW I . 26.23 -27.17 -3.76
C9 NHW I . 25.85 -27.87 -4.84
O9 NHW I . 25.15 -28.89 -4.78
CP NHW I . 18.42 -23.39 -2.14
C10 NHW I . 26.34 -27.33 -6.22
O10 NHW I . 27.46 -26.47 -6.00
C11 NHW I . 25.30 -26.49 -6.97
C12 NHW I . 25.92 -25.78 -8.16
C13 NHW I . 24.73 -25.38 -6.04
C14 NHW I . 24.21 -27.40 -7.52
N1A NHW I . 21.10 -21.49 -7.42
O1A NHW I . 28.97 -25.78 -12.87
P1A NHW I . 27.73 -25.91 -12.05
C1M NHW I . 17.98 -23.99 -3.47
O1M NHW I . 17.87 -25.21 -3.57
C1X NHW I . 24.86 -21.42 -10.95
C2A NHW I . 21.01 -21.25 -8.72
O2A NHW I . 26.91 -27.14 -12.20
P2A NHW I . 28.08 -26.51 -9.34
C2M NHW I . 17.66 -23.01 -4.63
C2X NHW I . 26.17 -20.62 -11.06
O2X NHW I . 25.95 -19.26 -10.81
N3A NHW I . 22.09 -21.27 -9.51
O3A NHW I . 28.12 -25.56 -10.58
C3M NHW I . 18.11 -23.47 -6.03
C3X NHW I . 26.59 -20.87 -12.50
O3X NHW I . 25.80 -20.09 -13.42
P3X NHW I . 26.54 -18.97 -14.32
C4A NHW I . 23.29 -21.55 -8.99
O4A NHW I . 28.64 -27.83 -9.60
C4M NHW I . 17.67 -22.47 -7.13
C4X NHW I . 26.20 -22.34 -12.67
O4X NHW I . 25.18 -22.66 -11.61
C5A NHW I . 23.41 -21.85 -7.62
O5A NHW I . 28.65 -25.65 -8.30
C5M NHW I . 17.42 -23.14 -8.49
C5X NHW I . 27.37 -23.32 -12.53
O5X NHW I . 26.83 -24.62 -12.38
C6A NHW I . 22.27 -21.82 -6.84
N6A NHW I . 22.31 -22.09 -5.53
O6A NHW I . 26.59 -26.69 -9.06
C6M NHW I . 16.94 -22.08 -9.54
N7A NHW I . 24.70 -22.11 -7.36
O7A NHW I . 25.50 -18.07 -15.00
C7M NHW I . 15.41 -22.10 -9.76
C8A NHW I . 25.37 -21.99 -8.53
O8A NHW I . 26.97 -18.00 -13.13
C8M NHW I . 14.98 -21.26 -10.99
N9A NHW I . 24.52 -21.66 -9.52
O9A NHW I . 27.64 -19.46 -15.18
C9M NHW I . 13.44 -21.29 -11.21
CAM NHW I . 13.03 -22.54 -12.04
CBM NHW I . 11.55 -22.68 -12.19
CCM NHW I . 11.04 -21.81 -13.32
CDM NHW I . 9.50 -21.72 -13.25
CEM NHW I . 8.91 -21.01 -14.50
N YN4 J . 20.48 -20.34 7.50
C7 YN4 J . 20.96 -20.21 8.55
C6 YN4 J . 21.62 -20.15 9.85
C5 YN4 J . 22.90 -19.42 9.49
S YN4 J . 24.38 -20.20 10.05
C4 YN4 J . 24.28 -21.89 9.87
C8 YN4 J . 24.59 -22.49 8.55
C23 YN4 J . 24.47 -23.97 8.46
N4 YN4 J . 24.09 -24.69 9.55
C24 YN4 J . 23.81 -24.16 10.76
C3 YN4 J . 23.87 -22.78 11.00
C YN4 J . 23.57 -22.23 12.38
O1 YN4 J . 24.44 -21.24 12.98
C1 YN4 J . 24.21 -20.76 14.31
C2 YN4 J . 24.87 -21.69 15.32
O YN4 J . 22.62 -22.59 13.04
C22 YN4 J . 24.76 -24.57 7.21
C21 YN4 J . 25.14 -23.78 6.09
C10 YN4 J . 25.26 -22.39 6.19
C9 YN4 J . 24.98 -21.75 7.43
O2 YN4 J . 25.67 -21.67 5.08
C11 YN4 J . 25.14 -20.38 4.62
C12 YN4 J . 23.71 -20.62 4.17
C20 YN4 J . 22.64 -20.45 5.05
N3 YN4 J . 21.37 -20.67 4.65
C15 YN4 J . 21.09 -21.07 3.37
C14 YN4 J . 22.16 -21.27 2.46
C13 YN4 J . 23.48 -21.05 2.86
N1 YN4 J . 19.76 -21.33 2.98
C19 YN4 J . 19.49 -21.60 1.55
C18 YN4 J . 18.48 -22.75 1.44
N2 YN4 J . 17.36 -22.58 2.36
C17 YN4 J . 17.65 -22.42 3.76
C16 YN4 J . 18.70 -21.32 4.01
MG MG K . 28.28 -29.47 -12.10
CL CL L . 4.76 -21.81 32.05
S1 NHW M . -32.97 9.84 -12.51
C2 NHW M . -34.76 9.79 -12.91
C3 NHW M . -35.68 10.02 -11.69
N4 NHW M . -37.07 10.22 -12.12
C5 NHW M . -37.62 11.39 -12.41
O5 NHW M . -37.06 12.47 -12.43
C6 NHW M . -39.08 11.28 -12.82
C7 NHW M . -39.82 12.59 -12.57
N8 NHW M . -39.72 12.92 -11.15
C9 NHW M . -40.34 12.20 -10.19
O9 NHW M . -41.09 11.20 -10.39
CP NHW M . -32.64 8.04 -12.75
C10 NHW M . -40.07 12.74 -8.76
O10 NHW M . -39.67 14.13 -8.82
C11 NHW M . -39.03 11.94 -7.93
C12 NHW M . -38.87 12.64 -6.59
C13 NHW M . -37.64 11.88 -8.62
C14 NHW M . -39.50 10.50 -7.67
N1A NHW M . -32.57 10.38 -7.41
O1A NHW M . -40.53 14.77 -1.59
P1A NHW M . -40.03 13.72 -2.51
C1M NHW M . -33.12 7.09 -11.64
O1M NHW M . -34.22 6.54 -11.72
C1X NHW M . -34.67 13.04 -3.37
C2A NHW M . -32.42 10.10 -6.11
O2A NHW M . -40.77 12.44 -2.52
P2A NHW M . -40.70 13.98 -5.35
C2M NHW M . -32.21 6.77 -10.47
C2X NHW M . -34.40 14.50 -3.00
O2X NHW M . -33.01 14.79 -2.94
N3A NHW M . -33.01 10.88 -5.19
O3A NHW M . -39.86 14.35 -4.01
C3M NHW M . -32.99 6.90 -9.16
C3X NHW M . -35.03 14.59 -1.62
O3X NHW M . -34.09 14.14 -0.63
P3X NHW M . -33.46 15.26 0.32
C4A NHW M . -33.80 11.95 -5.52
O4A NHW M . -42.15 13.91 -5.11
C4M NHW M . -32.02 6.87 -7.98
C4X NHW M . -36.19 13.63 -1.74
O4X NHW M . -36.01 12.88 -2.98
C5A NHW M . -33.96 12.24 -6.87
O5A NHW M . -40.20 14.99 -6.30
C5M NHW M . -32.68 6.40 -6.69
C5X NHW M . -37.55 14.38 -1.93
O5X NHW M . -38.57 13.39 -2.05
C6A NHW M . -33.32 11.43 -7.82
N6A NHW M . -33.48 11.69 -9.11
O6A NHW M . -40.08 12.60 -5.82
C6M NHW M . -31.66 6.44 -5.57
N7A NHW M . -34.75 13.31 -6.96
O7A NHW M . -32.57 14.43 1.34
C7M NHW M . -31.24 5.00 -5.25
C8A NHW M . -35.09 13.69 -5.74
O8A NHW M . -32.54 16.09 -0.65
C8M NHW M . -30.11 4.91 -4.20
N9A NHW M . -34.52 12.88 -4.85
O9A NHW M . -34.53 16.10 0.89
C9M NHW M . -29.69 3.45 -4.09
CAM NHW M . -30.66 2.61 -3.22
CBM NHW M . -30.28 1.13 -3.29
CCM NHW M . -29.15 0.77 -2.33
CDM NHW M . -28.81 -0.72 -2.48
CEM NHW M . -27.53 -1.12 -1.73
N YN4 N . -28.38 13.42 -24.76
C7 YN4 N . -29.39 13.45 -24.14
C6 YN4 N . -30.49 13.49 -23.15
C5 YN4 N . -30.49 14.92 -22.62
S YN4 N . -31.42 16.06 -23.64
C4 YN4 N . -33.00 15.43 -23.83
C8 YN4 N . -33.88 15.25 -22.63
C23 YN4 N . -35.22 14.64 -22.84
N4 YN4 N . -35.59 14.24 -24.08
C24 YN4 N . -34.82 14.38 -25.17
C3 YN4 N . -33.53 14.94 -25.15
C YN4 N . -32.79 15.04 -26.48
O1 YN4 N . -32.15 16.30 -26.84
C1 YN4 N . -31.70 16.54 -28.18
C2 YN4 N . -32.84 17.15 -28.95
O YN4 N . -32.75 14.15 -27.33
C22 YN4 N . -36.08 14.47 -21.73
C21 YN4 N . -35.67 14.89 -20.45
C10 YN4 N . -34.41 15.46 -20.22
C9 YN4 N . -33.54 15.64 -21.32
O2 YN4 N . -34.08 15.88 -18.93
C11 YN4 N . -32.73 16.03 -18.37
C12 YN4 N . -32.28 14.62 -18.06
C20 YN4 N . -31.61 13.85 -19.03
N3 YN4 N . -31.26 12.57 -18.74
C15 YN4 N . -31.55 12.01 -17.52
C14 YN4 N . -32.23 12.76 -16.54
C13 YN4 N . -32.60 14.07 -16.81
N1 YN4 N . -31.18 10.67 -17.26
C19 YN4 N . -31.29 10.18 -15.87
C18 YN4 N . -31.40 8.66 -15.90
N2 YN4 N . -32.05 8.18 -17.12
C17 YN4 N . -31.47 8.51 -18.41
C16 YN4 N . -30.71 9.84 -18.40
MG MG O . -43.43 12.68 -3.00
CL CL P . -36.72 4.75 8.28
#